data_7DDP
#
_entry.id   7DDP
#
_cell.length_a   1.00
_cell.length_b   1.00
_cell.length_c   1.00
_cell.angle_alpha   90.00
_cell.angle_beta   90.00
_cell.angle_gamma   90.00
#
_symmetry.space_group_name_H-M   'P 1'
#
loop_
_entity.id
_entity.type
_entity.pdbx_description
1 polymer 'Angiotensin-converting enzyme 2'
2 polymer 'Spike protein S1'
3 non-polymer 'ZINC ION'
4 non-polymer 2-acetamido-2-deoxy-beta-D-glucopyranose
#
loop_
_entity_poly.entity_id
_entity_poly.type
_entity_poly.pdbx_seq_one_letter_code
_entity_poly.pdbx_strand_id
1 'polypeptide(L)'
;STIEEQAKTFLDKFNHEAEDLFYQSSLASWNYNTNITEENVQNMNNAGDKWSAFLKEQSTLAQMYPLQEIQNLTVKLQLQ
ALQQNGSSVLSEDKSKRLNTILNTMSTIYSTGKVCNPDNPQECLLLEPGLNEIMANSLDYNERLWAWESWRSEVGKQLRP
LYEEYVVLKNEMARANHYEDYGDYWRGDYEVNGVDGYDYSRGQLIEDVEHTFEEIKPLYEHLHAYVRAKLMNAYPSYISP
IGCLPAHLLGDMWGRFWTNLYSLTVPFGQKPNIDVTDAMVDQAWDAQRIFKEAEKFFVSVGLPNMTQGFWENSMLTDPGN
VQKAVCHPTAWDLGKGDFRILMCTKVTMDDFLTAHHEMGHIQYDMAYAAQPFLLRNGANEGFHEAVGEIMSLSAATPKHL
KSIGLLSPDFQEDNETEINFLLKQALTIVGTLPFTYMLEKWRWMVFKGEIPKDQWMKKWWEMKREIVGVVEPVPHDETYC
DPASLFHVSNDYSFIRYYTRTLYQFQFQEALCQAAKHEGPLHKCDISNSTEAGQKLFNMLRLGKSEPWTLALENVVGAKN
MNVRPLLNYFEPLFTWLKDQNKNSFVGWSTDWSPYAD
;
A
2 'polypeptide(L)'
;RVQPTISIVRFPNITNLCPFGEVFNASKFASVYAWNRKRISNCVADYSVLYNSTSFSTFKCYGVSPTKLNDLCFTNVYAD
SFVVKGDEVRQIAPGQTGVIADYNYKLPDDFTGCVIAWNSVKQDALTGGNYGYLYRLFRKSKLKPFERDISTEIYQAGST
PCNGQVGLNCYYPLERYGFHPTTGVNYQPFRVVVLSFELLNGPATVCGP
;
C
#
# COMPACT_ATOMS: atom_id res chain seq x y z
N SER A 1 -13.05 10.33 -32.48
CA SER A 1 -13.87 9.54 -33.40
C SER A 1 -13.49 8.06 -33.34
N THR A 2 -12.29 7.79 -32.84
CA THR A 2 -11.78 6.43 -32.75
C THR A 2 -12.26 5.79 -31.44
N ILE A 3 -11.70 4.63 -31.11
CA ILE A 3 -12.06 3.93 -29.87
C ILE A 3 -11.16 4.36 -28.72
N GLU A 4 -9.88 4.62 -29.01
CA GLU A 4 -8.94 4.98 -27.95
C GLU A 4 -9.30 6.33 -27.31
N GLU A 5 -9.80 7.27 -28.11
CA GLU A 5 -10.22 8.55 -27.56
C GLU A 5 -11.39 8.37 -26.60
N GLN A 6 -12.37 7.55 -26.98
CA GLN A 6 -13.50 7.26 -26.10
C GLN A 6 -13.03 6.57 -24.84
N ALA A 7 -12.08 5.63 -24.95
CA ALA A 7 -11.55 4.96 -23.78
C ALA A 7 -10.85 5.94 -22.85
N LYS A 8 -10.07 6.86 -23.41
CA LYS A 8 -9.38 7.85 -22.58
C LYS A 8 -10.37 8.75 -21.86
N THR A 9 -11.40 9.22 -22.57
CA THR A 9 -12.38 10.10 -21.94
C THR A 9 -13.16 9.36 -20.85
N PHE A 10 -13.53 8.11 -21.11
CA PHE A 10 -14.22 7.32 -20.10
C PHE A 10 -13.34 7.10 -18.88
N LEU A 11 -12.05 6.83 -19.09
CA LEU A 11 -11.14 6.65 -17.97
C LEU A 11 -10.97 7.94 -17.18
N ASP A 12 -10.94 9.09 -17.87
CA ASP A 12 -10.89 10.36 -17.16
C ASP A 12 -12.12 10.55 -16.27
N LYS A 13 -13.30 10.33 -16.84
CA LYS A 13 -14.54 10.45 -16.05
C LYS A 13 -14.52 9.50 -14.85
N PHE A 14 -14.14 8.25 -15.08
CA PHE A 14 -14.12 7.26 -14.01
C PHE A 14 -13.14 7.65 -12.92
N ASN A 15 -11.94 8.11 -13.30
CA ASN A 15 -10.96 8.51 -12.30
C ASN A 15 -11.50 9.66 -11.46
N HIS A 16 -12.04 10.69 -12.11
CA HIS A 16 -12.47 11.87 -11.38
C HIS A 16 -13.66 11.59 -10.48
N GLU A 17 -14.49 10.61 -10.84
CA GLU A 17 -15.61 10.26 -9.96
C GLU A 17 -15.16 9.33 -8.82
N ALA A 18 -14.40 8.29 -9.18
CA ALA A 18 -13.98 7.29 -8.20
C ALA A 18 -13.06 7.87 -7.16
N GLU A 19 -12.31 8.92 -7.50
CA GLU A 19 -11.43 9.52 -6.49
C GLU A 19 -12.24 10.09 -5.33
N ASP A 20 -13.26 10.89 -5.63
CA ASP A 20 -14.10 11.43 -4.58
C ASP A 20 -14.88 10.34 -3.86
N LEU A 21 -15.41 9.37 -4.61
CA LEU A 21 -16.17 8.30 -3.94
C LEU A 21 -15.29 7.50 -2.98
N PHE A 22 -14.10 7.11 -3.43
CA PHE A 22 -13.18 6.36 -2.57
C PHE A 22 -12.70 7.21 -1.40
N TYR A 23 -12.55 8.52 -1.61
CA TYR A 23 -12.18 9.39 -0.50
C TYR A 23 -13.25 9.39 0.57
N GLN A 24 -14.51 9.51 0.17
CA GLN A 24 -15.60 9.45 1.14
C GLN A 24 -15.63 8.10 1.86
N SER A 25 -15.45 7.01 1.09
CA SER A 25 -15.45 5.67 1.70
C SER A 25 -14.35 5.52 2.74
N SER A 26 -13.12 5.89 2.37
CA SER A 26 -12.00 5.77 3.29
C SER A 26 -12.14 6.71 4.47
N LEU A 27 -12.76 7.88 4.27
CA LEU A 27 -12.98 8.80 5.37
C LEU A 27 -13.96 8.21 6.39
N ALA A 28 -15.06 7.63 5.91
CA ALA A 28 -15.99 6.97 6.82
C ALA A 28 -15.32 5.79 7.54
N SER A 29 -14.50 5.02 6.81
CA SER A 29 -13.80 3.90 7.43
C SER A 29 -12.85 4.39 8.51
N TRP A 30 -12.17 5.51 8.28
CA TRP A 30 -11.30 6.08 9.29
C TRP A 30 -12.09 6.53 10.51
N ASN A 31 -13.20 7.24 10.28
CA ASN A 31 -14.04 7.66 11.40
C ASN A 31 -14.50 6.46 12.23
N TYR A 32 -14.73 5.32 11.58
CA TYR A 32 -15.07 4.12 12.34
C TYR A 32 -13.86 3.60 13.12
N ASN A 33 -12.69 3.54 12.47
CA ASN A 33 -11.55 2.86 13.07
C ASN A 33 -11.02 3.58 14.30
N THR A 34 -11.10 4.91 14.33
CA THR A 34 -10.65 5.66 15.49
C THR A 34 -11.76 5.91 16.50
N ASN A 35 -13.00 5.55 16.18
CA ASN A 35 -14.14 5.80 17.06
C ASN A 35 -15.16 4.68 16.82
N ILE A 36 -15.08 3.65 17.66
CA ILE A 36 -15.93 2.48 17.49
C ILE A 36 -17.30 2.74 18.12
N THR A 37 -18.31 2.86 17.28
CA THR A 37 -19.70 3.01 17.72
C THR A 37 -20.54 2.11 16.81
N GLU A 38 -21.86 2.34 16.79
CA GLU A 38 -22.70 1.64 15.84
C GLU A 38 -23.02 2.48 14.61
N GLU A 39 -23.28 3.78 14.81
CA GLU A 39 -23.54 4.66 13.68
C GLU A 39 -22.32 4.77 12.77
N ASN A 40 -21.12 4.69 13.36
CA ASN A 40 -19.90 4.74 12.55
C ASN A 40 -19.79 3.51 11.66
N VAL A 41 -20.11 2.33 12.21
CA VAL A 41 -20.13 1.12 11.38
C VAL A 41 -21.19 1.24 10.30
N GLN A 42 -22.34 1.83 10.64
CA GLN A 42 -23.39 2.02 9.64
C GLN A 42 -22.90 2.89 8.49
N ASN A 43 -22.25 4.02 8.81
CA ASN A 43 -21.75 4.91 7.77
C ASN A 43 -20.65 4.24 6.95
N MET A 44 -19.76 3.49 7.61
CA MET A 44 -18.71 2.79 6.88
C MET A 44 -19.30 1.77 5.91
N ASN A 45 -20.27 0.99 6.37
CA ASN A 45 -20.89 -0.01 5.49
C ASN A 45 -21.64 0.65 4.35
N ASN A 46 -22.31 1.78 4.62
CA ASN A 46 -23.04 2.47 3.56
C ASN A 46 -22.09 3.00 2.49
N ALA A 47 -20.99 3.62 2.92
CA ALA A 47 -19.99 4.09 1.97
C ALA A 47 -19.37 2.94 1.20
N GLY A 48 -19.16 1.80 1.86
CA GLY A 48 -18.63 0.63 1.16
C GLY A 48 -19.58 0.12 0.09
N ASP A 49 -20.88 0.08 0.41
CA ASP A 49 -21.87 -0.31 -0.60
C ASP A 49 -21.88 0.66 -1.77
N LYS A 50 -21.82 1.96 -1.48
CA LYS A 50 -21.77 2.94 -2.56
C LYS A 50 -20.56 2.71 -3.46
N TRP A 51 -19.37 2.53 -2.85
CA TRP A 51 -18.15 2.36 -3.63
C TRP A 51 -18.20 1.07 -4.45
N SER A 52 -18.71 -0.02 -3.87
CA SER A 52 -18.78 -1.27 -4.60
C SER A 52 -19.77 -1.22 -5.74
N ALA A 53 -20.93 -0.58 -5.53
CA ALA A 53 -21.90 -0.43 -6.60
C ALA A 53 -21.34 0.41 -7.73
N PHE A 54 -20.66 1.51 -7.39
CA PHE A 54 -20.03 2.33 -8.42
C PHE A 54 -18.98 1.56 -9.20
N LEU A 55 -18.16 0.77 -8.49
CA LEU A 55 -17.13 -0.02 -9.18
C LEU A 55 -17.77 -1.04 -10.12
N LYS A 56 -18.84 -1.69 -9.69
CA LYS A 56 -19.49 -2.68 -10.55
C LYS A 56 -20.11 -2.03 -11.78
N GLU A 57 -20.79 -0.89 -11.59
CA GLU A 57 -21.38 -0.19 -12.73
C GLU A 57 -20.30 0.29 -13.70
N GLN A 58 -19.18 0.76 -13.17
CA GLN A 58 -18.10 1.24 -14.03
C GLN A 58 -17.42 0.10 -14.76
N SER A 59 -17.31 -1.08 -14.12
CA SER A 59 -16.81 -2.24 -14.84
C SER A 59 -17.76 -2.65 -15.95
N THR A 60 -19.06 -2.57 -15.69
CA THR A 60 -20.06 -2.86 -16.72
C THR A 60 -19.90 -1.92 -17.90
N LEU A 61 -19.73 -0.63 -17.63
CA LEU A 61 -19.56 0.34 -18.72
C LEU A 61 -18.21 0.18 -19.41
N ALA A 62 -17.20 -0.33 -18.70
CA ALA A 62 -15.86 -0.44 -19.26
C ALA A 62 -15.69 -1.70 -20.10
N GLN A 63 -16.49 -2.73 -19.84
CA GLN A 63 -16.39 -3.97 -20.60
C GLN A 63 -16.78 -3.79 -22.06
N MET A 64 -17.22 -2.58 -22.43
CA MET A 64 -17.60 -2.27 -23.80
C MET A 64 -16.42 -1.83 -24.66
N TYR A 65 -15.22 -1.71 -24.09
CA TYR A 65 -14.05 -1.31 -24.84
C TYR A 65 -13.08 -2.48 -24.96
N PRO A 66 -12.83 -3.00 -26.15
CA PRO A 66 -11.91 -4.14 -26.28
C PRO A 66 -10.46 -3.71 -26.10
N LEU A 67 -9.69 -4.57 -25.43
CA LEU A 67 -8.29 -4.27 -25.19
C LEU A 67 -7.46 -4.43 -26.46
N GLN A 68 -7.89 -5.28 -27.38
CA GLN A 68 -7.09 -5.54 -28.58
C GLN A 68 -7.05 -4.36 -29.53
N GLU A 69 -7.91 -3.35 -29.33
CA GLU A 69 -7.94 -2.17 -30.19
C GLU A 69 -7.47 -0.93 -29.43
N ILE A 70 -6.60 -1.11 -28.44
CA ILE A 70 -6.04 -0.02 -27.65
C ILE A 70 -4.53 -0.11 -27.71
N GLN A 71 -3.88 0.98 -28.13
CA GLN A 71 -2.43 1.00 -28.31
C GLN A 71 -1.68 1.53 -27.09
N ASN A 72 -2.23 2.53 -26.41
CA ASN A 72 -1.55 3.13 -25.27
C ASN A 72 -1.40 2.09 -24.16
N LEU A 73 -0.18 1.99 -23.60
CA LEU A 73 0.06 1.02 -22.54
C LEU A 73 -0.62 1.40 -21.23
N THR A 74 -0.60 2.68 -20.87
CA THR A 74 -1.24 3.10 -19.63
C THR A 74 -2.77 2.99 -19.74
N VAL A 75 -3.33 3.40 -20.87
CA VAL A 75 -4.77 3.27 -21.08
C VAL A 75 -5.17 1.80 -21.09
N LYS A 76 -4.33 0.95 -21.70
CA LYS A 76 -4.62 -0.48 -21.71
C LYS A 76 -4.58 -1.07 -20.31
N LEU A 77 -3.60 -0.64 -19.50
CA LEU A 77 -3.51 -1.14 -18.13
C LEU A 77 -4.72 -0.72 -17.31
N GLN A 78 -5.14 0.54 -17.46
CA GLN A 78 -6.31 1.01 -16.71
C GLN A 78 -7.57 0.28 -17.17
N LEU A 79 -7.74 0.09 -18.48
CA LEU A 79 -8.92 -0.62 -18.98
C LEU A 79 -8.93 -2.07 -18.51
N GLN A 80 -7.75 -2.71 -18.46
CA GLN A 80 -7.68 -4.08 -18.01
C GLN A 80 -7.95 -4.19 -16.51
N ALA A 81 -7.48 -3.23 -15.73
CA ALA A 81 -7.75 -3.26 -14.29
C ALA A 81 -9.20 -2.93 -13.98
N LEU A 82 -9.87 -2.16 -14.86
CA LEU A 82 -11.26 -1.81 -14.63
C LEU A 82 -12.24 -2.84 -15.21
N GLN A 83 -11.82 -3.60 -16.22
CA GLN A 83 -12.70 -4.57 -16.85
C GLN A 83 -12.83 -5.87 -16.07
N GLN A 84 -11.85 -6.19 -15.21
CA GLN A 84 -11.91 -7.42 -14.44
C GLN A 84 -12.95 -7.26 -13.35
N ASN A 85 -14.19 -7.69 -13.64
CA ASN A 85 -15.27 -7.55 -12.67
C ASN A 85 -15.12 -8.55 -11.53
N GLY A 86 -14.93 -9.82 -11.85
CA GLY A 86 -14.77 -10.84 -10.84
C GLY A 86 -15.85 -11.90 -10.85
N SER A 87 -16.69 -11.91 -9.81
CA SER A 87 -17.68 -12.96 -9.64
C SER A 87 -18.96 -12.74 -10.44
N SER A 88 -19.13 -11.54 -11.03
CA SER A 88 -20.35 -11.26 -11.77
C SER A 88 -20.43 -12.05 -13.07
N VAL A 89 -19.34 -12.70 -13.48
CA VAL A 89 -19.38 -13.52 -14.69
C VAL A 89 -20.19 -14.80 -14.47
N LEU A 90 -20.08 -15.40 -13.30
CA LEU A 90 -20.83 -16.61 -12.99
C LEU A 90 -22.33 -16.29 -12.87
N SER A 91 -23.12 -17.33 -12.66
CA SER A 91 -24.55 -17.15 -12.47
C SER A 91 -24.84 -16.49 -11.13
N GLU A 92 -26.10 -16.10 -10.93
CA GLU A 92 -26.47 -15.43 -9.69
C GLU A 92 -26.57 -16.41 -8.53
N ASP A 93 -27.17 -17.58 -8.77
CA ASP A 93 -27.30 -18.56 -7.70
C ASP A 93 -25.93 -19.10 -7.27
N LYS A 94 -25.06 -19.37 -8.25
CA LYS A 94 -23.71 -19.82 -7.92
C LYS A 94 -22.91 -18.73 -7.22
N SER A 95 -23.12 -17.46 -7.60
CA SER A 95 -22.43 -16.37 -6.93
C SER A 95 -22.85 -16.28 -5.47
N LYS A 96 -24.16 -16.34 -5.21
CA LYS A 96 -24.63 -16.30 -3.82
C LYS A 96 -24.15 -17.52 -3.04
N ARG A 97 -24.10 -18.68 -3.69
CA ARG A 97 -23.60 -19.87 -3.01
C ARG A 97 -22.13 -19.71 -2.63
N LEU A 98 -21.32 -19.20 -3.56
CA LEU A 98 -19.90 -18.98 -3.26
C LEU A 98 -19.71 -17.95 -2.15
N ASN A 99 -20.51 -16.88 -2.18
CA ASN A 99 -20.41 -15.87 -1.13
C ASN A 99 -20.77 -16.46 0.23
N THR A 100 -21.83 -17.27 0.28
CA THR A 100 -22.20 -17.91 1.54
C THR A 100 -21.11 -18.89 2.00
N ILE A 101 -20.47 -19.58 1.06
CA ILE A 101 -19.39 -20.50 1.41
C ILE A 101 -18.23 -19.73 2.03
N LEU A 102 -17.82 -18.63 1.39
CA LEU A 102 -16.73 -17.83 1.93
C LEU A 102 -17.07 -17.28 3.31
N ASN A 103 -18.29 -16.75 3.47
CA ASN A 103 -18.70 -16.20 4.76
C ASN A 103 -18.72 -17.28 5.83
N THR A 104 -19.20 -18.48 5.50
CA THR A 104 -19.24 -19.56 6.46
C THR A 104 -17.83 -19.98 6.87
N MET A 105 -16.93 -20.12 5.90
CA MET A 105 -15.56 -20.49 6.23
C MET A 105 -14.89 -19.45 7.12
N SER A 106 -15.07 -18.16 6.79
CA SER A 106 -14.49 -17.11 7.61
C SER A 106 -15.07 -17.13 9.02
N THR A 107 -16.37 -17.34 9.14
CA THR A 107 -17.00 -17.35 10.46
C THR A 107 -16.53 -18.54 11.30
N ILE A 108 -16.42 -19.72 10.68
CA ILE A 108 -15.96 -20.89 11.42
C ILE A 108 -14.51 -20.71 11.85
N TYR A 109 -13.69 -20.07 11.01
CA TYR A 109 -12.31 -19.82 11.41
C TYR A 109 -12.24 -18.81 12.55
N SER A 110 -13.01 -17.73 12.46
CA SER A 110 -12.90 -16.66 13.46
C SER A 110 -13.50 -17.07 14.79
N THR A 111 -14.62 -17.78 14.79
CA THR A 111 -15.31 -18.16 16.02
C THR A 111 -15.10 -19.63 16.36
N GLY A 112 -13.91 -20.17 16.13
CA GLY A 112 -13.65 -21.56 16.46
C GLY A 112 -13.70 -21.77 17.96
N LYS A 113 -14.57 -22.68 18.39
CA LYS A 113 -14.79 -22.96 19.80
C LYS A 113 -14.23 -24.34 20.11
N VAL A 114 -12.95 -24.40 20.44
CA VAL A 114 -12.27 -25.63 20.85
C VAL A 114 -12.10 -25.60 22.36
N CYS A 115 -12.40 -26.71 23.02
CA CYS A 115 -12.32 -26.80 24.47
C CYS A 115 -11.81 -28.18 24.87
N ASN A 116 -11.05 -28.22 25.96
CA ASN A 116 -10.49 -29.46 26.44
C ASN A 116 -11.60 -30.39 26.95
N PRO A 117 -11.39 -31.71 26.92
CA PRO A 117 -12.42 -32.65 27.37
C PRO A 117 -12.54 -32.78 28.88
N ASP A 118 -11.90 -31.91 29.67
CA ASP A 118 -11.97 -31.97 31.12
C ASP A 118 -13.09 -31.11 31.70
N ASN A 119 -13.41 -29.98 31.08
CA ASN A 119 -14.52 -29.14 31.53
C ASN A 119 -15.05 -28.34 30.35
N PRO A 120 -16.29 -28.59 29.91
CA PRO A 120 -16.76 -27.96 28.67
C PRO A 120 -17.12 -26.49 28.81
N GLN A 121 -17.38 -26.00 30.03
CA GLN A 121 -17.84 -24.63 30.19
C GLN A 121 -16.75 -23.60 29.96
N GLU A 122 -15.54 -23.85 30.45
CA GLU A 122 -14.42 -22.92 30.29
C GLU A 122 -13.46 -23.48 29.25
N CYS A 123 -12.99 -22.62 28.35
CA CYS A 123 -12.02 -23.00 27.34
C CYS A 123 -11.53 -21.74 26.64
N LEU A 124 -10.49 -21.90 25.83
CA LEU A 124 -9.75 -20.79 25.26
C LEU A 124 -10.10 -20.59 23.79
N LEU A 125 -10.22 -19.32 23.40
CA LEU A 125 -10.38 -18.97 22.00
C LEU A 125 -9.04 -19.06 21.28
N LEU A 126 -9.05 -18.76 19.99
CA LEU A 126 -7.82 -18.80 19.21
C LEU A 126 -6.81 -17.77 19.69
N GLU A 127 -7.14 -16.49 19.58
CA GLU A 127 -6.22 -15.38 19.77
C GLU A 127 -5.62 -15.33 21.18
N PRO A 128 -6.41 -15.19 22.26
CA PRO A 128 -5.79 -15.04 23.58
C PRO A 128 -5.42 -16.39 24.17
N GLY A 129 -5.75 -17.45 23.43
CA GLY A 129 -5.56 -18.82 23.87
C GLY A 129 -4.51 -19.55 23.08
N LEU A 130 -4.97 -20.26 22.04
CA LEU A 130 -4.13 -21.20 21.32
C LEU A 130 -2.83 -20.56 20.83
N ASN A 131 -2.88 -19.27 20.45
CA ASN A 131 -1.69 -18.61 19.98
C ASN A 131 -0.64 -18.51 21.08
N GLU A 132 -1.02 -18.00 22.26
CA GLU A 132 -0.08 -17.90 23.37
C GLU A 132 0.37 -19.29 23.82
N ILE A 133 -0.52 -20.26 23.74
CA ILE A 133 -0.17 -21.63 24.12
C ILE A 133 0.95 -22.15 23.21
N MET A 134 0.78 -22.00 21.89
CA MET A 134 1.77 -22.50 20.96
C MET A 134 3.02 -21.63 20.89
N ALA A 135 2.96 -20.39 21.37
CA ALA A 135 4.09 -19.48 21.29
C ALA A 135 4.97 -19.50 22.54
N ASN A 136 4.37 -19.59 23.73
CA ASN A 136 5.12 -19.47 24.97
C ASN A 136 5.29 -20.78 25.72
N SER A 137 4.31 -21.68 25.67
CA SER A 137 4.41 -22.91 26.44
C SER A 137 5.52 -23.81 25.90
N LEU A 138 5.86 -24.83 26.69
CA LEU A 138 6.94 -25.75 26.35
C LEU A 138 6.58 -27.22 26.53
N ASP A 139 5.51 -27.52 27.27
CA ASP A 139 5.12 -28.92 27.46
C ASP A 139 4.73 -29.56 26.14
N TYR A 140 5.30 -30.73 25.86
CA TYR A 140 5.05 -31.40 24.59
C TYR A 140 3.59 -31.80 24.46
N ASN A 141 3.03 -32.44 25.50
CA ASN A 141 1.65 -32.90 25.43
C ASN A 141 0.70 -31.72 25.26
N GLU A 142 0.97 -30.60 25.91
CA GLU A 142 0.10 -29.43 25.81
C GLU A 142 0.08 -28.88 24.39
N ARG A 143 1.25 -28.70 23.78
CA ARG A 143 1.31 -28.20 22.41
C ARG A 143 0.67 -29.17 21.44
N LEU A 144 0.91 -30.47 21.63
CA LEU A 144 0.29 -31.47 20.76
C LEU A 144 -1.22 -31.43 20.87
N TRP A 145 -1.75 -31.32 22.10
CA TRP A 145 -3.19 -31.23 22.29
C TRP A 145 -3.75 -30.00 21.60
N ALA A 146 -3.12 -28.84 21.80
CA ALA A 146 -3.58 -27.61 21.17
C ALA A 146 -3.63 -27.76 19.66
N TRP A 147 -2.52 -28.23 19.07
CA TRP A 147 -2.44 -28.38 17.63
C TRP A 147 -3.53 -29.31 17.11
N GLU A 148 -3.59 -30.54 17.65
CA GLU A 148 -4.53 -31.52 17.14
C GLU A 148 -5.96 -31.09 17.35
N SER A 149 -6.26 -30.46 18.48
CA SER A 149 -7.63 -30.03 18.77
C SER A 149 -8.07 -28.94 17.83
N TRP A 150 -7.21 -27.93 17.62
CA TRP A 150 -7.57 -26.86 16.68
C TRP A 150 -7.76 -27.41 15.26
N ARG A 151 -6.88 -28.34 14.85
CA ARG A 151 -7.03 -28.94 13.53
C ARG A 151 -8.36 -29.68 13.41
N SER A 152 -8.61 -30.62 14.32
CA SER A 152 -9.84 -31.42 14.26
C SER A 152 -11.09 -30.58 14.47
N GLU A 153 -10.97 -29.38 15.04
CA GLU A 153 -12.14 -28.54 15.26
C GLU A 153 -12.41 -27.59 14.10
N VAL A 154 -11.38 -27.21 13.34
CA VAL A 154 -11.53 -26.25 12.25
C VAL A 154 -11.53 -26.94 10.89
N GLY A 155 -10.47 -27.70 10.58
CA GLY A 155 -10.36 -28.30 9.26
C GLY A 155 -11.40 -29.37 9.00
N LYS A 156 -11.78 -30.13 10.02
CA LYS A 156 -12.79 -31.17 9.84
C LYS A 156 -14.12 -30.57 9.40
N GLN A 157 -14.40 -29.33 9.84
CA GLN A 157 -15.63 -28.67 9.42
C GLN A 157 -15.43 -27.95 8.09
N LEU A 158 -14.24 -27.43 7.85
CA LEU A 158 -14.00 -26.63 6.64
C LEU A 158 -13.74 -27.48 5.40
N ARG A 159 -13.51 -28.79 5.56
CA ARG A 159 -13.17 -29.63 4.41
C ARG A 159 -14.22 -29.60 3.31
N PRO A 160 -15.50 -29.92 3.55
CA PRO A 160 -16.47 -29.89 2.45
C PRO A 160 -16.74 -28.49 1.92
N LEU A 161 -16.78 -27.50 2.81
CA LEU A 161 -16.87 -26.11 2.37
C LEU A 161 -15.72 -25.76 1.45
N TYR A 162 -14.50 -26.17 1.81
CA TYR A 162 -13.34 -25.85 0.97
C TYR A 162 -13.40 -26.60 -0.35
N GLU A 163 -13.95 -27.81 -0.37
CA GLU A 163 -14.11 -28.53 -1.63
C GLU A 163 -15.06 -27.78 -2.57
N GLU A 164 -16.24 -27.43 -2.06
CA GLU A 164 -17.19 -26.68 -2.89
C GLU A 164 -16.61 -25.34 -3.30
N TYR A 165 -15.83 -24.72 -2.41
CA TYR A 165 -15.15 -23.46 -2.73
C TYR A 165 -14.18 -23.63 -3.88
N VAL A 166 -13.39 -24.71 -3.85
CA VAL A 166 -12.44 -24.98 -4.93
C VAL A 166 -13.18 -25.16 -6.25
N VAL A 167 -14.27 -25.92 -6.25
CA VAL A 167 -15.01 -26.16 -7.48
C VAL A 167 -15.57 -24.86 -8.03
N LEU A 168 -16.18 -24.04 -7.15
CA LEU A 168 -16.79 -22.79 -7.62
C LEU A 168 -15.73 -21.81 -8.11
N LYS A 169 -14.57 -21.76 -7.44
CA LYS A 169 -13.51 -20.86 -7.88
C LYS A 169 -12.94 -21.30 -9.21
N ASN A 170 -12.79 -22.62 -9.42
CA ASN A 170 -12.33 -23.10 -10.70
C ASN A 170 -13.33 -22.76 -11.81
N GLU A 171 -14.63 -22.89 -11.51
CA GLU A 171 -15.64 -22.51 -12.49
C GLU A 171 -15.55 -21.03 -12.83
N MET A 172 -15.43 -20.17 -11.81
CA MET A 172 -15.34 -18.74 -12.06
C MET A 172 -14.10 -18.39 -12.86
N ALA A 173 -12.98 -19.03 -12.56
CA ALA A 173 -11.73 -18.72 -13.27
C ALA A 173 -11.80 -19.19 -14.72
N ARG A 174 -12.34 -20.40 -14.95
CA ARG A 174 -12.47 -20.88 -16.32
C ARG A 174 -13.48 -20.04 -17.11
N ALA A 175 -14.45 -19.44 -16.42
CA ALA A 175 -15.36 -18.52 -17.10
C ALA A 175 -14.66 -17.22 -17.49
N ASN A 176 -13.61 -16.84 -16.76
CA ASN A 176 -12.84 -15.65 -17.06
C ASN A 176 -11.63 -15.94 -17.95
N HIS A 177 -11.70 -16.99 -18.77
CA HIS A 177 -10.68 -17.38 -19.73
C HIS A 177 -9.34 -17.75 -19.09
N TYR A 178 -9.31 -17.95 -17.78
CA TYR A 178 -8.12 -18.44 -17.10
C TYR A 178 -8.12 -19.96 -17.08
N GLU A 179 -6.95 -20.53 -16.74
CA GLU A 179 -6.85 -21.98 -16.65
C GLU A 179 -7.44 -22.48 -15.34
N ASP A 180 -7.15 -21.80 -14.24
CA ASP A 180 -7.69 -22.16 -12.93
C ASP A 180 -7.61 -20.91 -12.04
N TYR A 181 -7.92 -21.08 -10.76
CA TYR A 181 -7.85 -19.95 -9.83
C TYR A 181 -6.41 -19.60 -9.51
N GLY A 182 -5.53 -20.60 -9.46
CA GLY A 182 -4.12 -20.32 -9.27
C GLY A 182 -3.56 -19.48 -10.39
N ASP A 183 -4.00 -19.73 -11.63
CA ASP A 183 -3.60 -18.88 -12.73
C ASP A 183 -4.14 -17.47 -12.57
N TYR A 184 -5.36 -17.34 -12.03
CA TYR A 184 -5.93 -16.02 -11.77
C TYR A 184 -5.08 -15.24 -10.78
N TRP A 185 -4.57 -15.91 -9.74
CA TRP A 185 -3.67 -15.25 -8.81
C TRP A 185 -2.33 -14.93 -9.44
N ARG A 186 -1.76 -15.87 -10.21
CA ARG A 186 -0.49 -15.61 -10.87
C ARG A 186 -0.60 -14.49 -11.90
N GLY A 187 -1.80 -14.18 -12.36
CA GLY A 187 -2.02 -13.05 -13.25
C GLY A 187 -1.63 -11.71 -12.66
N ASP A 188 -1.27 -11.66 -11.38
CA ASP A 188 -0.79 -10.41 -10.79
C ASP A 188 0.59 -10.07 -11.31
N TYR A 189 1.47 -11.06 -11.44
CA TYR A 189 2.82 -10.85 -11.95
C TYR A 189 2.90 -10.93 -13.46
N GLU A 190 1.77 -11.02 -14.15
CA GLU A 190 1.78 -11.12 -15.60
C GLU A 190 2.05 -9.76 -16.25
N VAL A 191 2.89 -9.76 -17.28
CA VAL A 191 3.18 -8.57 -18.07
C VAL A 191 3.09 -8.96 -19.54
N ASN A 192 2.34 -8.17 -20.32
CA ASN A 192 2.16 -8.45 -21.73
C ASN A 192 2.21 -7.14 -22.51
N GLY A 193 2.78 -7.22 -23.72
CA GLY A 193 2.83 -6.07 -24.60
C GLY A 193 3.98 -5.13 -24.35
N VAL A 194 5.05 -5.58 -23.70
CA VAL A 194 6.22 -4.76 -23.40
C VAL A 194 7.44 -5.57 -23.82
N ASP A 195 8.00 -5.24 -24.98
CA ASP A 195 9.15 -5.99 -25.48
C ASP A 195 10.34 -5.84 -24.54
N GLY A 196 10.91 -6.97 -24.15
CA GLY A 196 12.04 -6.99 -23.25
C GLY A 196 11.71 -7.04 -21.79
N TYR A 197 10.43 -6.87 -21.42
CA TYR A 197 10.02 -6.93 -20.02
C TYR A 197 8.81 -7.84 -19.82
N ASP A 198 8.54 -8.75 -20.75
CA ASP A 198 7.39 -9.64 -20.61
C ASP A 198 7.61 -10.64 -19.47
N TYR A 199 6.50 -11.18 -18.98
CA TYR A 199 6.54 -12.14 -17.88
C TYR A 199 5.26 -12.97 -17.94
N SER A 200 5.39 -14.27 -18.24
CA SER A 200 4.25 -15.15 -18.27
C SER A 200 3.82 -15.52 -16.86
N ARG A 201 2.74 -16.31 -16.79
CA ARG A 201 2.20 -16.69 -15.48
C ARG A 201 2.83 -17.98 -14.97
N GLY A 202 3.31 -18.86 -15.85
CA GLY A 202 4.08 -20.00 -15.42
C GLY A 202 5.55 -19.68 -15.15
N GLN A 203 6.06 -18.62 -15.75
CA GLN A 203 7.40 -18.15 -15.43
C GLN A 203 7.52 -17.80 -13.95
N LEU A 204 6.42 -17.37 -13.33
CA LEU A 204 6.44 -17.12 -11.89
C LEU A 204 6.75 -18.39 -11.13
N ILE A 205 6.06 -19.49 -11.47
CA ILE A 205 6.33 -20.78 -10.82
C ILE A 205 7.77 -21.20 -11.08
N GLU A 206 8.24 -21.02 -12.31
CA GLU A 206 9.61 -21.42 -12.64
C GLU A 206 10.62 -20.67 -11.79
N ASP A 207 10.51 -19.35 -11.72
CA ASP A 207 11.46 -18.55 -10.95
C ASP A 207 11.33 -18.82 -9.46
N VAL A 208 10.12 -19.07 -8.97
CA VAL A 208 9.95 -19.39 -7.55
C VAL A 208 10.67 -20.69 -7.22
N GLU A 209 10.48 -21.72 -8.05
CA GLU A 209 11.15 -23.00 -7.80
C GLU A 209 12.66 -22.86 -7.90
N HIS A 210 13.15 -22.07 -8.86
CA HIS A 210 14.59 -21.89 -9.00
CA HIS A 210 14.59 -21.88 -8.99
C HIS A 210 15.17 -21.17 -7.78
N THR A 211 14.52 -20.08 -7.35
CA THR A 211 15.01 -19.34 -6.19
C THR A 211 14.98 -20.21 -4.94
N PHE A 212 13.96 -21.03 -4.78
CA PHE A 212 13.92 -21.91 -3.62
C PHE A 212 15.01 -22.99 -3.70
N GLU A 213 15.27 -23.51 -4.89
CA GLU A 213 16.35 -24.48 -5.05
C GLU A 213 17.70 -23.86 -4.71
N GLU A 214 17.86 -22.57 -4.98
CA GLU A 214 19.08 -21.87 -4.58
C GLU A 214 19.12 -21.54 -3.09
N ILE A 215 17.96 -21.35 -2.46
CA ILE A 215 17.90 -21.09 -1.02
C ILE A 215 18.14 -22.35 -0.20
N LYS A 216 17.79 -23.52 -0.74
CA LYS A 216 17.79 -24.78 0.01
C LYS A 216 18.95 -24.97 0.99
N PRO A 217 20.21 -24.73 0.63
CA PRO A 217 21.30 -25.04 1.59
C PRO A 217 21.24 -24.24 2.89
N LEU A 218 21.00 -22.93 2.80
CA LEU A 218 20.95 -22.12 4.01
C LEU A 218 19.80 -22.55 4.92
N TYR A 219 18.63 -22.83 4.33
CA TYR A 219 17.50 -23.30 5.13
C TYR A 219 17.79 -24.66 5.73
N GLU A 220 18.52 -25.52 5.01
CA GLU A 220 18.87 -26.82 5.56
C GLU A 220 19.79 -26.69 6.77
N HIS A 221 20.78 -25.80 6.69
CA HIS A 221 21.67 -25.59 7.82
C HIS A 221 20.92 -24.98 9.01
N LEU A 222 20.05 -24.00 8.75
CA LEU A 222 19.25 -23.43 9.82
C LEU A 222 18.34 -24.47 10.46
N HIS A 223 17.75 -25.34 9.64
CA HIS A 223 16.87 -26.39 10.15
C HIS A 223 17.66 -27.39 10.99
N ALA A 224 18.88 -27.72 10.57
CA ALA A 224 19.71 -28.63 11.37
C ALA A 224 20.05 -28.01 12.73
N TYR A 225 20.42 -26.73 12.73
CA TYR A 225 20.72 -26.06 14.00
C TYR A 225 19.50 -26.03 14.91
N VAL A 226 18.34 -25.67 14.35
CA VAL A 226 17.13 -25.59 15.16
C VAL A 226 16.73 -26.97 15.67
N ARG A 227 16.91 -28.00 14.85
CA ARG A 227 16.59 -29.36 15.30
C ARG A 227 17.51 -29.79 16.44
N ALA A 228 18.80 -29.45 16.35
CA ALA A 228 19.71 -29.77 17.44
C ALA A 228 19.30 -29.05 18.73
N LYS A 229 19.01 -27.75 18.62
CA LYS A 229 18.64 -26.99 19.81
C LYS A 229 17.31 -27.47 20.40
N LEU A 230 16.39 -27.92 19.56
CA LEU A 230 15.11 -28.41 20.07
C LEU A 230 15.24 -29.80 20.66
N MET A 231 16.13 -30.63 20.12
CA MET A 231 16.45 -31.90 20.77
C MET A 231 17.09 -31.66 22.13
N ASN A 232 17.87 -30.59 22.24
CA ASN A 232 18.36 -30.18 23.56
C ASN A 232 17.21 -29.74 24.46
N ALA A 233 16.23 -29.04 23.88
CA ALA A 233 15.08 -28.57 24.65
C ALA A 233 14.02 -29.64 24.86
N TYR A 234 13.90 -30.59 23.93
CA TYR A 234 12.97 -31.72 24.07
C TYR A 234 13.81 -32.98 23.96
N PRO A 235 14.06 -33.66 25.08
CA PRO A 235 15.07 -34.73 25.09
C PRO A 235 14.66 -35.98 24.32
N SER A 236 13.41 -36.41 24.41
CA SER A 236 12.98 -37.68 23.84
C SER A 236 11.83 -37.56 22.85
N TYR A 237 11.60 -36.40 22.25
CA TYR A 237 10.48 -36.20 21.34
C TYR A 237 10.90 -35.70 19.97
N ILE A 238 12.20 -35.73 19.66
CA ILE A 238 12.70 -35.27 18.36
C ILE A 238 13.86 -36.18 17.94
N SER A 239 13.80 -36.67 16.71
CA SER A 239 14.89 -37.50 16.20
C SER A 239 16.05 -36.61 15.76
N PRO A 240 17.30 -37.02 16.01
CA PRO A 240 18.44 -36.17 15.64
C PRO A 240 18.65 -36.03 14.15
N ILE A 241 18.13 -36.94 13.34
CA ILE A 241 18.36 -36.93 11.90
C ILE A 241 17.05 -36.89 11.12
N GLY A 242 15.92 -36.70 11.79
CA GLY A 242 14.61 -36.68 11.16
C GLY A 242 14.08 -35.28 10.96
N CYS A 243 12.76 -35.19 10.87
CA CYS A 243 12.08 -33.91 10.69
C CYS A 243 11.63 -33.35 12.04
N LEU A 244 11.15 -32.12 12.01
CA LEU A 244 10.69 -31.48 13.23
C LEU A 244 9.18 -31.64 13.38
N PRO A 245 8.70 -31.95 14.58
CA PRO A 245 7.25 -32.00 14.79
C PRO A 245 6.61 -30.64 14.52
N ALA A 246 5.36 -30.69 14.04
CA ALA A 246 4.71 -29.50 13.54
C ALA A 246 4.28 -28.54 14.66
N HIS A 247 4.10 -29.04 15.87
CA HIS A 247 3.60 -28.22 16.96
C HIS A 247 4.71 -27.58 17.79
N LEU A 248 5.97 -27.86 17.47
CA LEU A 248 7.10 -27.28 18.19
C LEU A 248 7.75 -26.14 17.42
N LEU A 249 7.01 -25.50 16.52
CA LEU A 249 7.58 -24.52 15.61
C LEU A 249 7.30 -23.08 16.02
N GLY A 250 6.72 -22.87 17.20
CA GLY A 250 6.54 -21.52 17.71
C GLY A 250 5.16 -20.93 17.53
N ASP A 251 4.31 -21.52 16.71
CA ASP A 251 2.94 -21.03 16.55
C ASP A 251 2.06 -22.19 16.13
N MET A 252 0.82 -21.86 15.73
CA MET A 252 -0.17 -22.89 15.43
C MET A 252 0.19 -23.67 14.18
N TRP A 253 0.88 -23.06 13.23
CA TRP A 253 1.17 -23.67 11.95
C TRP A 253 2.65 -23.85 11.65
N GLY A 254 3.52 -23.03 12.26
CA GLY A 254 4.91 -23.03 11.89
C GLY A 254 5.28 -22.01 10.84
N ARG A 255 4.47 -20.97 10.67
CA ARG A 255 4.74 -19.96 9.64
C ARG A 255 6.06 -19.25 9.94
N PHE A 256 6.19 -18.72 11.15
CA PHE A 256 7.42 -18.08 11.58
C PHE A 256 8.05 -18.87 12.72
N TRP A 257 9.38 -18.84 12.78
CA TRP A 257 10.13 -19.48 13.84
C TRP A 257 10.65 -18.47 14.87
N THR A 258 10.02 -17.29 14.97
CA THR A 258 10.51 -16.25 15.87
C THR A 258 10.43 -16.69 17.32
N ASN A 259 9.46 -17.53 17.67
CA ASN A 259 9.23 -17.94 19.04
C ASN A 259 10.20 -19.01 19.51
N LEU A 260 11.17 -19.38 18.69
CA LEU A 260 12.23 -20.31 19.09
C LEU A 260 13.54 -19.59 19.36
N TYR A 261 13.51 -18.26 19.54
CA TYR A 261 14.74 -17.51 19.74
C TYR A 261 15.37 -17.86 21.08
N SER A 262 14.56 -17.92 22.14
CA SER A 262 15.09 -18.25 23.46
C SER A 262 15.64 -19.68 23.50
N LEU A 263 15.00 -20.59 22.76
CA LEU A 263 15.44 -21.98 22.76
C LEU A 263 16.66 -22.19 21.86
N THR A 264 16.84 -21.33 20.86
CA THR A 264 17.90 -21.51 19.87
C THR A 264 18.88 -20.35 19.86
N VAL A 265 19.01 -19.63 20.96
CA VAL A 265 19.91 -18.47 21.01
C VAL A 265 21.36 -18.97 20.95
N PRO A 266 22.24 -18.32 20.18
CA PRO A 266 23.64 -18.78 20.11
C PRO A 266 24.39 -18.55 21.41
N PHE A 267 24.33 -17.32 21.93
CA PHE A 267 25.02 -16.92 23.15
C PHE A 267 24.00 -16.33 24.10
N GLY A 268 23.44 -17.17 24.97
CA GLY A 268 22.40 -16.74 25.89
C GLY A 268 22.84 -15.75 26.95
N GLN A 269 24.15 -15.67 27.21
CA GLN A 269 24.65 -14.73 28.21
C GLN A 269 24.86 -13.33 27.64
N LYS A 270 25.07 -13.20 26.33
CA LYS A 270 25.21 -11.89 25.73
C LYS A 270 23.84 -11.22 25.66
N PRO A 271 23.73 -9.95 26.05
CA PRO A 271 22.43 -9.28 26.04
C PRO A 271 22.10 -8.78 24.64
N ASN A 272 20.93 -9.16 24.14
CA ASN A 272 20.49 -8.67 22.85
C ASN A 272 20.24 -7.16 22.92
N ILE A 273 20.43 -6.49 21.78
CA ILE A 273 20.33 -5.04 21.75
C ILE A 273 18.88 -4.62 21.96
N ASP A 274 18.69 -3.60 22.79
CA ASP A 274 17.35 -3.07 23.08
C ASP A 274 17.50 -1.66 23.59
N VAL A 275 16.76 -0.72 23.00
CA VAL A 275 16.90 0.69 23.31
C VAL A 275 15.65 1.25 23.98
N THR A 276 14.84 0.38 24.61
CA THR A 276 13.65 0.85 25.29
C THR A 276 13.99 1.69 26.51
N ASP A 277 14.97 1.25 27.29
CA ASP A 277 15.33 1.96 28.52
C ASP A 277 15.94 3.33 28.20
N ALA A 278 16.77 3.43 27.17
CA ALA A 278 17.30 4.73 26.77
C ALA A 278 16.20 5.66 26.31
N MET A 279 15.10 5.10 25.78
CA MET A 279 13.96 5.93 25.40
C MET A 279 13.18 6.38 26.64
N VAL A 280 13.04 5.49 27.63
CA VAL A 280 12.33 5.86 28.85
C VAL A 280 13.09 6.94 29.61
N ASP A 281 14.42 6.86 29.61
CA ASP A 281 15.22 7.83 30.36
C ASP A 281 15.12 9.22 29.73
N GLN A 282 15.21 9.31 28.40
CA GLN A 282 15.23 10.58 27.71
C GLN A 282 13.84 11.13 27.40
N ALA A 283 12.80 10.62 28.07
CA ALA A 283 11.43 11.12 27.90
C ALA A 283 10.97 11.01 26.45
N TRP A 284 11.05 9.80 25.90
CA TRP A 284 10.64 9.55 24.53
C TRP A 284 9.17 9.17 24.46
N ASP A 285 8.44 9.81 23.55
CA ASP A 285 7.02 9.53 23.35
C ASP A 285 6.75 9.19 21.89
N ALA A 286 5.49 9.09 21.51
CA ALA A 286 5.14 8.78 20.13
C ALA A 286 5.60 9.87 19.18
N GLN A 287 5.40 11.13 19.56
CA GLN A 287 5.76 12.24 18.67
C GLN A 287 7.25 12.24 18.37
N ARG A 288 8.09 11.97 19.38
CA ARG A 288 9.53 11.94 19.15
C ARG A 288 9.92 10.77 18.26
N ILE A 289 9.30 9.61 18.47
CA ILE A 289 9.58 8.45 17.63
C ILE A 289 9.27 8.76 16.16
N PHE A 290 8.09 9.32 15.91
CA PHE A 290 7.71 9.60 14.52
C PHE A 290 8.51 10.76 13.94
N LYS A 291 8.93 11.71 14.77
CA LYS A 291 9.81 12.76 14.28
C LYS A 291 11.17 12.20 13.86
N GLU A 292 11.70 11.27 14.64
CA GLU A 292 12.97 10.65 14.27
C GLU A 292 12.81 9.80 13.00
N ALA A 293 11.67 9.13 12.84
CA ALA A 293 11.42 8.40 11.61
C ALA A 293 11.37 9.35 10.41
N GLU A 294 10.66 10.47 10.55
CA GLU A 294 10.60 11.46 9.48
C GLU A 294 11.98 12.01 9.16
N LYS A 295 12.81 12.22 10.17
CA LYS A 295 14.16 12.71 9.95
C LYS A 295 15.01 11.68 9.21
N PHE A 296 14.87 10.40 9.59
CA PHE A 296 15.57 9.34 8.87
C PHE A 296 15.15 9.31 7.41
N PHE A 297 13.86 9.50 7.15
CA PHE A 297 13.38 9.43 5.77
C PHE A 297 13.78 10.66 4.96
N VAL A 298 13.90 11.82 5.60
CA VAL A 298 14.32 13.01 4.86
C VAL A 298 15.84 13.06 4.71
N SER A 299 16.58 12.31 5.52
CA SER A 299 18.03 12.27 5.36
C SER A 299 18.45 11.63 4.05
N VAL A 300 17.65 10.70 3.53
CA VAL A 300 17.98 10.01 2.29
C VAL A 300 17.45 10.78 1.10
N GLY A 301 16.83 11.93 1.36
CA GLY A 301 16.34 12.79 0.30
C GLY A 301 14.85 12.70 0.03
N LEU A 302 14.15 11.72 0.61
CA LEU A 302 12.72 11.63 0.44
C LEU A 302 12.04 12.80 1.15
N PRO A 303 10.91 13.29 0.61
CA PRO A 303 10.24 14.42 1.24
C PRO A 303 9.68 14.05 2.61
N ASN A 304 9.63 15.05 3.49
CA ASN A 304 9.11 14.81 4.83
C ASN A 304 7.59 14.72 4.81
N MET A 305 7.02 14.41 5.97
CA MET A 305 5.58 14.21 6.05
C MET A 305 4.83 15.52 5.95
N THR A 306 3.58 15.43 5.52
CA THR A 306 2.73 16.60 5.35
C THR A 306 2.17 17.07 6.68
N GLN A 307 1.57 18.26 6.68
CA GLN A 307 0.96 18.79 7.89
C GLN A 307 -0.27 18.00 8.28
N GLY A 308 -1.09 17.62 7.28
CA GLY A 308 -2.27 16.82 7.57
C GLY A 308 -1.96 15.51 8.24
N PHE A 309 -0.78 14.96 7.98
CA PHE A 309 -0.36 13.74 8.67
C PHE A 309 -0.23 13.99 10.17
N TRP A 310 0.50 15.02 10.56
CA TRP A 310 0.66 15.31 11.98
C TRP A 310 -0.63 15.81 12.62
N GLU A 311 -1.54 16.36 11.82
CA GLU A 311 -2.77 16.90 12.39
C GLU A 311 -3.87 15.86 12.53
N ASN A 312 -3.88 14.83 11.67
CA ASN A 312 -5.00 13.91 11.60
C ASN A 312 -4.66 12.48 12.01
N SER A 313 -3.38 12.13 12.12
CA SER A 313 -3.02 10.76 12.44
C SER A 313 -3.23 10.46 13.91
N MET A 314 -3.56 9.21 14.19
CA MET A 314 -3.76 8.73 15.57
C MET A 314 -2.52 7.94 15.95
N LEU A 315 -1.57 8.62 16.61
CA LEU A 315 -0.30 8.02 16.98
C LEU A 315 -0.30 7.47 18.40
N THR A 316 -1.22 7.89 19.25
CA THR A 316 -1.31 7.43 20.62
C THR A 316 -2.68 6.83 20.88
N ASP A 317 -2.74 5.90 21.82
CA ASP A 317 -4.01 5.34 22.24
C ASP A 317 -4.89 6.44 22.81
N PRO A 318 -6.05 6.73 22.20
CA PRO A 318 -6.89 7.86 22.64
C PRO A 318 -7.59 7.58 23.96
N GLY A 319 -6.80 7.36 25.01
CA GLY A 319 -7.36 7.14 26.33
C GLY A 319 -8.18 5.86 26.43
N ASN A 320 -9.15 5.90 27.34
CA ASN A 320 -10.02 4.77 27.62
C ASN A 320 -11.47 5.02 27.22
N VAL A 321 -11.90 6.28 27.22
CA VAL A 321 -13.33 6.60 27.04
C VAL A 321 -13.81 6.17 25.66
N GLN A 322 -12.91 6.14 24.68
CA GLN A 322 -13.26 5.77 23.32
C GLN A 322 -12.38 4.62 22.83
N LYS A 323 -13.02 3.58 22.33
CA LYS A 323 -12.32 2.37 21.90
C LYS A 323 -12.00 2.45 20.41
N ALA A 324 -10.81 1.97 20.06
CA ALA A 324 -10.35 1.95 18.68
C ALA A 324 -9.45 0.75 18.47
N VAL A 325 -9.44 0.24 17.22
CA VAL A 325 -8.57 -0.88 16.89
C VAL A 325 -7.11 -0.41 16.92
N CYS A 326 -6.25 -1.23 17.51
CA CYS A 326 -4.85 -0.86 17.70
C CYS A 326 -3.92 -1.65 16.78
N HIS A 327 -4.34 -1.89 15.54
CA HIS A 327 -3.47 -2.50 14.55
C HIS A 327 -2.80 -1.40 13.73
N PRO A 328 -1.47 -1.39 13.64
CA PRO A 328 -0.80 -0.33 12.88
C PRO A 328 -1.10 -0.44 11.39
N THR A 329 -1.50 0.69 10.81
CA THR A 329 -1.82 0.75 9.39
C THR A 329 -1.33 2.06 8.81
N ALA A 330 -1.04 2.03 7.51
CA ALA A 330 -0.70 3.22 6.73
C ALA A 330 -1.89 3.55 5.84
N TRP A 331 -2.48 4.71 6.07
CA TRP A 331 -3.76 5.08 5.45
C TRP A 331 -3.52 6.02 4.29
N ASP A 332 -3.94 5.61 3.10
CA ASP A 332 -3.96 6.46 1.91
C ASP A 332 -5.42 6.71 1.57
N LEU A 333 -5.99 7.73 2.20
CA LEU A 333 -7.41 8.02 2.03
C LEU A 333 -7.72 8.66 0.68
N GLY A 334 -6.71 9.03 -0.09
CA GLY A 334 -6.92 9.69 -1.35
C GLY A 334 -6.97 11.20 -1.22
N LYS A 335 -6.90 11.87 -2.37
CA LYS A 335 -6.92 13.33 -2.44
C LYS A 335 -5.81 13.95 -1.59
N GLY A 336 -4.66 13.27 -1.55
CA GLY A 336 -3.52 13.78 -0.82
C GLY A 336 -3.64 13.75 0.68
N ASP A 337 -4.43 12.84 1.23
CA ASP A 337 -4.64 12.74 2.67
C ASP A 337 -4.02 11.43 3.16
N PHE A 338 -2.81 11.51 3.69
CA PHE A 338 -2.08 10.36 4.21
C PHE A 338 -2.06 10.41 5.73
N ARG A 339 -2.39 9.27 6.35
CA ARG A 339 -2.44 9.19 7.81
C ARG A 339 -1.88 7.85 8.25
N ILE A 340 -1.55 7.77 9.55
CA ILE A 340 -1.09 6.54 10.18
C ILE A 340 -1.93 6.32 11.44
N LEU A 341 -2.50 5.12 11.56
CA LEU A 341 -3.28 4.72 12.72
C LEU A 341 -2.47 3.67 13.48
N MET A 342 -1.95 4.04 14.65
CA MET A 342 -1.09 3.14 15.40
C MET A 342 -1.09 3.55 16.86
N CYS A 343 -1.30 2.57 17.74
CA CYS A 343 -1.17 2.77 19.18
C CYS A 343 0.26 2.40 19.56
N THR A 344 1.11 3.41 19.73
CA THR A 344 2.54 3.19 19.93
C THR A 344 2.88 3.31 21.40
N LYS A 345 3.49 2.26 21.94
CA LYS A 345 4.11 2.31 23.26
C LYS A 345 5.55 2.78 23.13
N VAL A 346 6.19 2.96 24.29
CA VAL A 346 7.61 3.35 24.33
C VAL A 346 8.41 2.05 24.25
N THR A 347 8.67 1.62 23.02
CA THR A 347 9.32 0.35 22.77
C THR A 347 10.16 0.46 21.50
N MET A 348 11.24 -0.33 21.44
CA MET A 348 12.04 -0.40 20.23
C MET A 348 11.31 -1.11 19.10
N ASP A 349 10.54 -2.15 19.45
CA ASP A 349 9.73 -2.83 18.43
C ASP A 349 8.72 -1.88 17.82
N ASP A 350 8.06 -1.06 18.64
CA ASP A 350 7.15 -0.05 18.11
C ASP A 350 7.89 1.01 17.33
N PHE A 351 9.14 1.29 17.69
CA PHE A 351 9.97 2.22 16.92
C PHE A 351 10.20 1.69 15.50
N LEU A 352 10.62 0.44 15.39
CA LEU A 352 10.84 -0.17 14.07
C LEU A 352 9.52 -0.29 13.30
N THR A 353 8.42 -0.56 14.01
CA THR A 353 7.13 -0.65 13.33
C THR A 353 6.67 0.71 12.81
N ALA A 354 6.95 1.78 13.56
CA ALA A 354 6.65 3.12 13.06
C ALA A 354 7.49 3.44 11.83
N HIS A 355 8.77 3.03 11.84
CA HIS A 355 9.59 3.21 10.64
C HIS A 355 9.00 2.43 9.46
N HIS A 356 8.52 1.21 9.70
CA HIS A 356 7.92 0.40 8.65
C HIS A 356 6.68 1.08 8.07
N GLU A 357 5.79 1.55 8.94
CA GLU A 357 4.57 2.19 8.48
C GLU A 357 4.86 3.51 7.77
N MET A 358 5.85 4.26 8.24
CA MET A 358 6.22 5.48 7.53
C MET A 358 6.86 5.17 6.18
N GLY A 359 7.54 4.03 6.05
CA GLY A 359 8.00 3.62 4.72
C GLY A 359 6.84 3.31 3.79
N HIS A 360 5.82 2.62 4.30
CA HIS A 360 4.58 2.43 3.55
C HIS A 360 4.01 3.78 3.10
N ILE A 361 3.98 4.75 4.01
CA ILE A 361 3.38 6.04 3.70
C ILE A 361 4.23 6.79 2.67
N GLN A 362 5.55 6.68 2.77
CA GLN A 362 6.41 7.29 1.76
C GLN A 362 6.16 6.70 0.39
N TYR A 363 6.03 5.37 0.32
CA TYR A 363 5.74 4.73 -0.96
C TYR A 363 4.39 5.18 -1.50
N ASP A 364 3.40 5.35 -0.61
CA ASP A 364 2.11 5.88 -1.03
C ASP A 364 2.22 7.29 -1.58
N MET A 365 2.99 8.14 -0.89
CA MET A 365 3.14 9.53 -1.33
C MET A 365 3.90 9.62 -2.64
N ALA A 366 4.72 8.62 -2.95
CA ALA A 366 5.55 8.68 -4.16
C ALA A 366 4.69 8.69 -5.42
N TYR A 367 3.84 7.67 -5.59
CA TYR A 367 3.08 7.51 -6.82
C TYR A 367 1.73 8.22 -6.77
N ALA A 368 1.58 9.24 -5.94
CA ALA A 368 0.34 9.99 -5.88
C ALA A 368 0.05 10.76 -7.17
N ALA A 369 1.05 10.92 -8.04
CA ALA A 369 0.86 11.62 -9.30
C ALA A 369 0.32 10.73 -10.41
N GLN A 370 0.28 9.42 -10.19
CA GLN A 370 -0.21 8.49 -11.19
C GLN A 370 -1.73 8.54 -11.27
N PRO A 371 -2.32 8.08 -12.38
CA PRO A 371 -3.77 7.97 -12.44
C PRO A 371 -4.32 7.05 -11.35
N PHE A 372 -5.61 7.22 -11.06
CA PHE A 372 -6.21 6.55 -9.91
C PHE A 372 -6.02 5.03 -9.97
N LEU A 373 -6.33 4.43 -11.13
CA LEU A 373 -6.22 2.99 -11.26
C LEU A 373 -4.78 2.48 -11.18
N LEU A 374 -3.79 3.38 -11.27
CA LEU A 374 -2.39 3.00 -11.21
C LEU A 374 -1.71 3.46 -9.93
N ARG A 375 -2.47 3.72 -8.87
CA ARG A 375 -1.91 4.13 -7.58
C ARG A 375 -1.84 2.91 -6.66
N ASN A 376 -0.80 2.11 -6.89
CA ASN A 376 -0.54 0.92 -6.07
C ASN A 376 0.89 0.49 -6.36
N GLY A 377 1.33 -0.56 -5.67
CA GLY A 377 2.66 -1.08 -5.89
C GLY A 377 2.81 -1.68 -7.28
N ALA A 378 4.07 -1.90 -7.66
CA ALA A 378 4.34 -2.53 -8.96
C ALA A 378 3.65 -3.89 -9.07
N ASN A 379 3.75 -4.68 -8.01
CA ASN A 379 2.98 -5.91 -7.89
C ASN A 379 2.52 -6.03 -6.43
N GLU A 380 2.04 -7.21 -6.06
CA GLU A 380 1.50 -7.40 -4.72
C GLU A 380 2.58 -7.43 -3.64
N GLY A 381 3.84 -7.57 -4.01
CA GLY A 381 4.89 -7.73 -3.03
C GLY A 381 5.93 -6.63 -3.01
N PHE A 382 5.50 -5.37 -3.11
CA PHE A 382 6.40 -4.23 -3.11
C PHE A 382 6.28 -3.36 -1.87
N HIS A 383 5.05 -3.12 -1.40
CA HIS A 383 4.85 -2.26 -0.24
C HIS A 383 5.56 -2.80 1.00
N GLU A 384 5.33 -4.08 1.32
CA GLU A 384 5.95 -4.63 2.51
C GLU A 384 7.46 -4.73 2.37
N ALA A 385 7.98 -4.86 1.14
CA ALA A 385 9.42 -4.83 0.96
C ALA A 385 9.99 -3.45 1.21
N VAL A 386 9.31 -2.41 0.71
CA VAL A 386 9.75 -1.04 0.97
C VAL A 386 9.70 -0.74 2.47
N GLY A 387 8.73 -1.31 3.17
CA GLY A 387 8.68 -1.12 4.62
C GLY A 387 9.78 -1.88 5.34
N GLU A 388 10.04 -3.11 4.94
CA GLU A 388 11.02 -3.95 5.64
C GLU A 388 12.43 -3.45 5.43
N ILE A 389 12.75 -2.87 4.25
CA ILE A 389 14.10 -2.34 4.07
C ILE A 389 14.32 -1.15 5.00
N MET A 390 13.31 -0.31 5.20
CA MET A 390 13.44 0.80 6.14
C MET A 390 13.59 0.30 7.57
N SER A 391 12.81 -0.73 7.94
CA SER A 391 12.96 -1.33 9.26
C SER A 391 14.38 -1.86 9.47
N LEU A 392 14.93 -2.57 8.48
CA LEU A 392 16.29 -3.08 8.59
C LEU A 392 17.30 -1.95 8.71
N SER A 393 17.16 -0.91 7.89
CA SER A 393 18.13 0.18 7.91
C SER A 393 18.05 0.98 9.22
N ALA A 394 16.88 1.04 9.85
CA ALA A 394 16.76 1.77 11.10
C ALA A 394 17.03 0.92 12.32
N ALA A 395 17.09 -0.41 12.19
CA ALA A 395 17.35 -1.28 13.33
C ALA A 395 18.82 -1.54 13.59
N THR A 396 19.71 -1.04 12.73
CA THR A 396 21.13 -1.33 12.88
C THR A 396 21.74 -0.54 14.03
N PRO A 397 22.78 -1.08 14.67
CA PRO A 397 23.41 -0.36 15.79
C PRO A 397 24.02 0.97 15.39
N LYS A 398 24.44 1.13 14.13
CA LYS A 398 24.98 2.41 13.69
C LYS A 398 23.94 3.52 13.82
N HIS A 399 22.71 3.25 13.35
CA HIS A 399 21.65 4.25 13.44
C HIS A 399 21.27 4.50 14.90
N LEU A 400 21.27 3.44 15.72
CA LEU A 400 20.91 3.61 17.13
C LEU A 400 21.98 4.40 17.89
N LYS A 401 23.23 4.33 17.45
CA LYS A 401 24.26 5.17 18.04
C LYS A 401 24.19 6.59 17.47
N SER A 402 23.68 6.74 16.26
CA SER A 402 23.61 8.06 15.64
C SER A 402 22.55 8.93 16.32
N ILE A 403 21.37 8.36 16.58
CA ILE A 403 20.26 9.12 17.14
C ILE A 403 20.42 9.26 18.65
N GLY A 404 21.49 8.69 19.19
CA GLY A 404 21.79 8.85 20.60
C GLY A 404 21.08 7.89 21.53
N LEU A 405 20.51 6.81 21.01
CA LEU A 405 19.88 5.80 21.86
C LEU A 405 20.85 4.75 22.36
N LEU A 406 22.08 4.75 21.86
CA LEU A 406 23.08 3.77 22.25
C LEU A 406 24.36 4.48 22.66
N SER A 407 25.07 3.90 23.61
CA SER A 407 26.29 4.51 24.10
C SER A 407 27.35 4.50 23.00
N PRO A 408 28.13 5.58 22.84
CA PRO A 408 29.21 5.58 21.84
C PRO A 408 30.33 4.60 22.15
N ASP A 409 30.41 4.11 23.38
CA ASP A 409 31.42 3.13 23.77
C ASP A 409 30.90 1.70 23.71
N PHE A 410 29.77 1.47 23.05
CA PHE A 410 29.25 0.12 22.90
C PHE A 410 30.19 -0.72 22.05
N GLN A 411 30.59 -1.87 22.58
CA GLN A 411 31.54 -2.75 21.92
C GLN A 411 30.76 -3.87 21.24
N GLU A 412 30.35 -3.64 19.99
CA GLU A 412 29.69 -4.67 19.21
C GLU A 412 30.69 -5.74 18.81
N ASP A 413 30.30 -7.00 18.95
CA ASP A 413 31.18 -8.13 18.73
C ASP A 413 30.50 -9.16 17.85
N ASN A 414 31.20 -10.25 17.56
CA ASN A 414 30.66 -11.28 16.68
C ASN A 414 29.50 -12.01 17.34
N GLU A 415 29.47 -12.08 18.67
CA GLU A 415 28.42 -12.80 19.36
C GLU A 415 27.06 -12.13 19.17
N THR A 416 26.99 -10.81 19.38
CA THR A 416 25.74 -10.10 19.18
C THR A 416 25.32 -10.11 17.72
N GLU A 417 26.29 -10.01 16.81
CA GLU A 417 25.98 -10.08 15.37
C GLU A 417 25.36 -11.43 15.03
N ILE A 418 25.93 -12.52 15.55
CA ILE A 418 25.40 -13.84 15.25
C ILE A 418 24.02 -14.02 15.87
N ASN A 419 23.81 -13.50 17.08
CA ASN A 419 22.49 -13.59 17.70
C ASN A 419 21.45 -12.86 16.87
N PHE A 420 21.76 -11.63 16.46
CA PHE A 420 20.83 -10.85 15.65
C PHE A 420 20.55 -11.52 14.32
N LEU A 421 21.59 -12.06 13.68
CA LEU A 421 21.40 -12.71 12.39
C LEU A 421 20.58 -13.98 12.52
N LEU A 422 20.75 -14.71 13.62
CA LEU A 422 19.95 -15.92 13.81
C LEU A 422 18.50 -15.59 14.07
N LYS A 423 18.23 -14.54 14.85
CA LYS A 423 16.86 -14.10 15.02
C LYS A 423 16.25 -13.64 13.70
N GLN A 424 17.03 -12.92 12.89
CA GLN A 424 16.55 -12.48 11.58
C GLN A 424 16.25 -13.67 10.68
N ALA A 425 17.07 -14.71 10.75
CA ALA A 425 16.80 -15.91 9.95
C ALA A 425 15.57 -16.64 10.45
N LEU A 426 15.36 -16.67 11.77
CA LEU A 426 14.16 -17.31 12.31
C LEU A 426 12.91 -16.58 11.84
N THR A 427 12.94 -15.25 11.77
CA THR A 427 11.78 -14.51 11.34
C THR A 427 11.70 -14.30 9.83
N ILE A 428 12.74 -14.69 9.08
CA ILE A 428 12.78 -14.43 7.65
C ILE A 428 12.98 -15.72 6.86
N VAL A 429 14.08 -16.42 7.12
CA VAL A 429 14.38 -17.63 6.37
C VAL A 429 13.45 -18.76 6.74
N GLY A 430 12.91 -18.76 7.96
CA GLY A 430 12.04 -19.83 8.41
C GLY A 430 10.68 -19.87 7.74
N THR A 431 10.24 -18.74 7.16
CA THR A 431 8.93 -18.68 6.54
C THR A 431 8.96 -18.93 5.05
N LEU A 432 10.13 -18.90 4.42
CA LEU A 432 10.19 -19.07 2.96
C LEU A 432 9.79 -20.48 2.53
N PRO A 433 10.32 -21.57 3.12
CA PRO A 433 9.85 -22.90 2.70
C PRO A 433 8.39 -23.14 3.02
N PHE A 434 7.93 -22.66 4.17
CA PHE A 434 6.50 -22.79 4.51
C PHE A 434 5.63 -22.12 3.47
N THR A 435 5.96 -20.86 3.12
CA THR A 435 5.19 -20.13 2.13
C THR A 435 5.22 -20.84 0.77
N TYR A 436 6.42 -21.24 0.33
CA TYR A 436 6.53 -21.88 -0.97
C TYR A 436 5.75 -23.18 -1.03
N MET A 437 5.86 -24.02 0.01
CA MET A 437 5.14 -25.29 0.02
C MET A 437 3.64 -25.06 0.04
N LEU A 438 3.17 -24.09 0.83
CA LEU A 438 1.74 -23.84 0.91
C LEU A 438 1.19 -23.36 -0.43
N GLU A 439 1.89 -22.41 -1.07
CA GLU A 439 1.42 -21.92 -2.35
C GLU A 439 1.53 -22.98 -3.44
N LYS A 440 2.54 -23.84 -3.38
CA LYS A 440 2.67 -24.92 -4.33
C LYS A 440 1.52 -25.90 -4.20
N TRP A 441 1.18 -26.28 -2.96
CA TRP A 441 0.05 -27.17 -2.74
C TRP A 441 -1.25 -26.53 -3.22
N ARG A 442 -1.44 -25.24 -2.94
CA ARG A 442 -2.68 -24.59 -3.34
C ARG A 442 -2.78 -24.49 -4.85
N TRP A 443 -1.68 -24.18 -5.54
CA TRP A 443 -1.69 -24.14 -6.99
C TRP A 443 -1.97 -25.52 -7.58
N MET A 444 -1.39 -26.56 -6.99
CA MET A 444 -1.57 -27.91 -7.53
C MET A 444 -2.96 -28.45 -7.25
N VAL A 445 -3.61 -27.99 -6.17
CA VAL A 445 -4.99 -28.40 -5.92
C VAL A 445 -5.95 -27.63 -6.81
N PHE A 446 -5.66 -26.35 -7.06
CA PHE A 446 -6.48 -25.58 -7.99
C PHE A 446 -6.34 -26.11 -9.42
N LYS A 447 -5.17 -26.66 -9.76
CA LYS A 447 -4.94 -27.11 -11.12
C LYS A 447 -5.66 -28.42 -11.40
N GLY A 448 -5.74 -29.30 -10.41
CA GLY A 448 -6.31 -30.62 -10.59
C GLY A 448 -5.32 -31.76 -10.50
N GLU A 449 -4.03 -31.46 -10.28
CA GLU A 449 -3.02 -32.51 -10.12
C GLU A 449 -3.11 -33.20 -8.77
N ILE A 450 -4.06 -32.82 -7.92
CA ILE A 450 -4.28 -33.47 -6.64
C ILE A 450 -5.76 -33.79 -6.52
N PRO A 451 -6.16 -35.05 -6.69
CA PRO A 451 -7.58 -35.40 -6.48
C PRO A 451 -7.99 -35.15 -5.03
N LYS A 452 -9.29 -34.93 -4.84
CA LYS A 452 -9.80 -34.57 -3.52
C LYS A 452 -9.61 -35.69 -2.50
N ASP A 453 -9.31 -36.91 -2.95
CA ASP A 453 -9.01 -38.02 -2.05
C ASP A 453 -7.51 -38.16 -1.81
N GLN A 454 -6.73 -37.12 -2.11
CA GLN A 454 -5.29 -37.12 -1.87
C GLN A 454 -4.82 -35.81 -1.24
N TRP A 455 -5.74 -34.96 -0.80
CA TRP A 455 -5.39 -33.61 -0.37
C TRP A 455 -4.40 -33.63 0.79
N MET A 456 -4.81 -34.18 1.93
CA MET A 456 -3.96 -34.16 3.12
C MET A 456 -2.71 -35.02 2.93
N LYS A 457 -2.83 -36.13 2.19
CA LYS A 457 -1.66 -36.95 1.92
C LYS A 457 -0.58 -36.15 1.19
N LYS A 458 -0.95 -35.52 0.08
CA LYS A 458 0.03 -34.74 -0.68
C LYS A 458 0.50 -33.53 0.12
N TRP A 459 -0.39 -32.91 0.89
CA TRP A 459 0.00 -31.76 1.70
C TRP A 459 1.08 -32.15 2.71
N TRP A 460 0.86 -33.23 3.45
CA TRP A 460 1.81 -33.63 4.47
C TRP A 460 3.10 -34.14 3.86
N GLU A 461 3.04 -34.88 2.75
CA GLU A 461 4.30 -35.35 2.18
C GLU A 461 5.07 -34.20 1.54
N MET A 462 4.38 -33.19 0.99
CA MET A 462 5.08 -32.00 0.51
C MET A 462 5.71 -31.23 1.65
N LYS A 463 5.04 -31.14 2.79
CA LYS A 463 5.64 -30.48 3.95
C LYS A 463 6.88 -31.22 4.41
N ARG A 464 6.79 -32.56 4.50
CA ARG A 464 7.95 -33.35 4.90
C ARG A 464 9.09 -33.20 3.91
N GLU A 465 8.79 -33.09 2.62
CA GLU A 465 9.83 -33.04 1.61
C GLU A 465 10.48 -31.66 1.51
N ILE A 466 9.70 -30.60 1.71
CA ILE A 466 10.19 -29.25 1.49
C ILE A 466 10.53 -28.58 2.81
N VAL A 467 9.54 -28.41 3.68
CA VAL A 467 9.76 -27.68 4.93
C VAL A 467 10.53 -28.52 5.94
N GLY A 468 10.52 -29.84 5.79
CA GLY A 468 11.17 -30.70 6.76
C GLY A 468 10.41 -30.77 8.07
N VAL A 469 9.09 -30.73 8.01
CA VAL A 469 8.24 -30.71 9.19
C VAL A 469 7.28 -31.89 9.11
N VAL A 470 7.20 -32.67 10.18
CA VAL A 470 6.39 -33.88 10.23
C VAL A 470 5.27 -33.67 11.23
N GLU A 471 4.09 -34.23 10.93
CA GLU A 471 2.97 -34.08 11.84
C GLU A 471 3.04 -35.11 12.96
N PRO A 472 2.58 -34.77 14.16
CA PRO A 472 2.62 -35.73 15.27
C PRO A 472 1.44 -36.69 15.31
N VAL A 473 0.41 -36.46 14.52
CA VAL A 473 -0.78 -37.32 14.52
C VAL A 473 -1.21 -37.58 13.08
N PRO A 474 -1.45 -38.84 12.69
CA PRO A 474 -1.86 -39.11 11.31
C PRO A 474 -3.26 -38.55 11.04
N HIS A 475 -3.41 -37.94 9.88
CA HIS A 475 -4.64 -37.27 9.49
C HIS A 475 -5.24 -37.97 8.28
N ASP A 476 -6.51 -38.35 8.38
CA ASP A 476 -7.22 -38.95 7.26
C ASP A 476 -7.73 -37.86 6.32
N GLU A 477 -8.49 -38.28 5.31
CA GLU A 477 -8.95 -37.37 4.27
C GLU A 477 -10.10 -36.47 4.71
N THR A 478 -10.49 -36.52 5.99
CA THR A 478 -11.52 -35.62 6.48
C THR A 478 -10.97 -34.28 6.95
N TYR A 479 -9.67 -34.19 7.20
CA TYR A 479 -9.07 -32.94 7.64
C TYR A 479 -8.87 -31.99 6.47
N CYS A 480 -8.79 -30.71 6.77
CA CYS A 480 -8.49 -29.66 5.81
C CYS A 480 -7.46 -28.71 6.40
N ASP A 481 -6.38 -29.30 6.94
CA ASP A 481 -5.29 -28.63 7.65
C ASP A 481 -4.81 -27.34 6.97
N PRO A 482 -4.73 -27.26 5.64
CA PRO A 482 -4.44 -25.96 5.02
C PRO A 482 -5.41 -24.87 5.44
N ALA A 483 -6.72 -25.16 5.46
CA ALA A 483 -7.71 -24.16 5.83
C ALA A 483 -7.60 -23.72 7.29
N SER A 484 -6.79 -24.42 8.09
CA SER A 484 -6.57 -23.99 9.47
C SER A 484 -5.78 -22.69 9.57
N LEU A 485 -5.28 -22.18 8.44
CA LEU A 485 -4.56 -20.91 8.40
C LEU A 485 -5.54 -19.81 7.98
N PHE A 486 -5.23 -18.58 8.39
CA PHE A 486 -6.11 -17.46 8.11
C PHE A 486 -6.23 -17.22 6.61
N HIS A 487 -5.11 -17.31 5.89
CA HIS A 487 -5.10 -16.94 4.47
C HIS A 487 -5.79 -17.99 3.60
N VAL A 488 -5.66 -19.27 3.95
CA VAL A 488 -6.26 -20.32 3.12
C VAL A 488 -7.78 -20.31 3.27
N SER A 489 -8.28 -19.98 4.45
CA SER A 489 -9.71 -20.00 4.72
C SER A 489 -10.38 -18.67 4.46
N ASN A 490 -9.63 -17.61 4.20
CA ASN A 490 -10.21 -16.29 3.91
C ASN A 490 -9.87 -15.79 2.52
N ASP A 491 -9.46 -16.69 1.63
CA ASP A 491 -9.27 -16.38 0.21
C ASP A 491 -8.23 -15.27 0.01
N TYR A 492 -7.00 -15.58 0.39
CA TYR A 492 -5.88 -14.64 0.28
C TYR A 492 -4.71 -15.31 -0.41
N SER A 493 -4.03 -14.55 -1.27
CA SER A 493 -2.84 -15.04 -1.95
C SER A 493 -1.65 -15.03 -1.00
N PHE A 494 -0.85 -16.11 -1.04
CA PHE A 494 0.21 -16.33 -0.07
C PHE A 494 1.61 -16.13 -0.64
N ILE A 495 1.77 -16.14 -1.96
CA ILE A 495 3.10 -16.02 -2.56
C ILE A 495 3.65 -14.60 -2.47
N ARG A 496 2.81 -13.62 -2.12
CA ARG A 496 3.31 -12.26 -1.97
C ARG A 496 4.36 -12.18 -0.87
N TYR A 497 4.26 -13.04 0.14
CA TYR A 497 5.24 -13.00 1.23
C TYR A 497 6.60 -13.52 0.78
N TYR A 498 6.62 -14.60 0.01
CA TYR A 498 7.87 -15.09 -0.58
C TYR A 498 8.50 -14.05 -1.49
N THR A 499 7.70 -13.51 -2.43
CA THR A 499 8.23 -12.52 -3.34
C THR A 499 8.72 -11.28 -2.61
N ARG A 500 8.01 -10.88 -1.54
CA ARG A 500 8.41 -9.71 -0.77
C ARG A 500 9.70 -9.97 0.00
N THR A 501 9.85 -11.17 0.56
CA THR A 501 11.08 -11.50 1.28
C THR A 501 12.28 -11.45 0.34
N LEU A 502 12.10 -11.87 -0.91
CA LEU A 502 13.21 -11.79 -1.85
C LEU A 502 13.45 -10.34 -2.31
N TYR A 503 12.37 -9.61 -2.59
CA TYR A 503 12.50 -8.26 -3.12
C TYR A 503 13.08 -7.30 -2.09
N GLN A 504 12.79 -7.51 -0.80
CA GLN A 504 13.30 -6.59 0.21
C GLN A 504 14.81 -6.71 0.33
N PHE A 505 15.35 -7.92 0.20
CA PHE A 505 16.80 -8.06 0.26
C PHE A 505 17.47 -7.63 -1.03
N GLN A 506 16.82 -7.84 -2.18
CA GLN A 506 17.32 -7.24 -3.41
C GLN A 506 17.41 -5.72 -3.28
N PHE A 507 16.36 -5.10 -2.77
CA PHE A 507 16.34 -3.66 -2.56
C PHE A 507 17.42 -3.22 -1.58
N GLN A 508 17.58 -3.96 -0.48
CA GLN A 508 18.58 -3.60 0.51
C GLN A 508 19.98 -3.66 -0.09
N GLU A 509 20.28 -4.72 -0.84
CA GLU A 509 21.61 -4.84 -1.44
C GLU A 509 21.85 -3.72 -2.44
N ALA A 510 20.87 -3.42 -3.29
CA ALA A 510 21.06 -2.36 -4.28
C ALA A 510 21.22 -1.00 -3.60
N LEU A 511 20.39 -0.72 -2.60
CA LEU A 511 20.44 0.56 -1.90
C LEU A 511 21.75 0.72 -1.13
N CYS A 512 22.33 -0.38 -0.64
CA CYS A 512 23.59 -0.29 0.08
C CYS A 512 24.77 -0.15 -0.88
N GLN A 513 24.72 -0.85 -2.02
CA GLN A 513 25.73 -0.65 -3.05
C GLN A 513 25.71 0.79 -3.56
N ALA A 514 24.52 1.39 -3.62
CA ALA A 514 24.42 2.80 -4.00
C ALA A 514 24.85 3.72 -2.86
N ALA A 515 25.00 3.19 -1.65
CA ALA A 515 25.40 3.98 -0.50
C ALA A 515 26.89 3.86 -0.18
N LYS A 516 27.64 3.10 -0.97
CA LYS A 516 29.07 2.89 -0.74
C LYS A 516 29.33 2.28 0.63
N HIS A 517 28.52 1.30 1.01
CA HIS A 517 28.69 0.61 2.28
C HIS A 517 29.81 -0.42 2.15
N GLU A 518 30.76 -0.38 3.08
CA GLU A 518 31.88 -1.30 3.10
C GLU A 518 31.76 -2.25 4.28
N GLY A 519 31.73 -3.55 4.01
CA GLY A 519 31.62 -4.55 5.04
C GLY A 519 30.42 -5.45 4.82
N PRO A 520 29.97 -6.10 5.89
CA PRO A 520 28.79 -6.97 5.78
C PRO A 520 27.54 -6.18 5.45
N LEU A 521 26.59 -6.85 4.80
CA LEU A 521 25.35 -6.19 4.39
C LEU A 521 24.40 -6.02 5.58
N HIS A 522 24.49 -6.89 6.58
CA HIS A 522 23.60 -6.80 7.72
C HIS A 522 23.89 -5.59 8.61
N LYS A 523 25.08 -5.01 8.49
CA LYS A 523 25.44 -3.80 9.23
C LYS A 523 25.26 -2.54 8.39
N CYS A 524 24.41 -2.57 7.38
CA CYS A 524 24.29 -1.45 6.47
C CYS A 524 23.25 -0.44 6.95
N ASP A 525 23.55 0.84 6.72
CA ASP A 525 22.65 1.93 7.06
C ASP A 525 22.58 2.87 5.86
N ILE A 526 21.38 3.08 5.33
CA ILE A 526 21.20 3.91 4.15
C ILE A 526 20.97 5.36 4.55
N SER A 527 21.13 5.64 5.84
CA SER A 527 20.93 7.01 6.32
C SER A 527 21.96 7.94 5.72
N ASN A 528 21.54 9.18 5.45
CA ASN A 528 22.36 10.25 4.87
C ASN A 528 22.88 9.90 3.48
N SER A 529 22.28 8.92 2.80
CA SER A 529 22.70 8.53 1.46
C SER A 529 21.62 8.99 0.48
N THR A 530 21.76 10.22 0.02
CA THR A 530 20.78 10.78 -0.91
C THR A 530 20.79 10.09 -2.27
N GLU A 531 21.94 9.55 -2.68
CA GLU A 531 21.98 8.79 -3.93
C GLU A 531 21.09 7.57 -3.84
N ALA A 532 21.14 6.86 -2.71
CA ALA A 532 20.26 5.71 -2.52
C ALA A 532 18.80 6.12 -2.45
N GLY A 533 18.51 7.23 -1.77
CA GLY A 533 17.15 7.73 -1.73
C GLY A 533 16.60 8.05 -3.11
N GLN A 534 17.44 8.64 -3.97
CA GLN A 534 17.02 8.91 -5.34
C GLN A 534 16.82 7.62 -6.12
N LYS A 535 17.74 6.66 -5.96
CA LYS A 535 17.62 5.38 -6.65
C LYS A 535 16.34 4.66 -6.25
N LEU A 536 15.90 4.84 -5.01
CA LEU A 536 14.68 4.19 -4.55
C LEU A 536 13.44 4.96 -5.02
N PHE A 537 13.48 6.29 -4.94
CA PHE A 537 12.34 7.08 -5.38
C PHE A 537 12.08 6.90 -6.87
N ASN A 538 13.13 6.65 -7.65
CA ASN A 538 12.94 6.44 -9.09
C ASN A 538 11.98 5.29 -9.37
N MET A 539 11.93 4.30 -8.48
CA MET A 539 10.98 3.21 -8.60
C MET A 539 9.69 3.48 -7.83
N LEU A 540 9.80 4.12 -6.66
CA LEU A 540 8.62 4.39 -5.85
C LEU A 540 7.62 5.27 -6.58
N ARG A 541 8.12 6.24 -7.36
CA ARG A 541 7.23 7.18 -8.04
C ARG A 541 6.51 6.56 -9.22
N LEU A 542 6.86 5.34 -9.62
CA LEU A 542 6.25 4.74 -10.81
C LEU A 542 4.84 4.25 -10.52
N GLY A 543 4.62 3.64 -9.36
CA GLY A 543 3.36 2.97 -9.15
C GLY A 543 3.33 1.65 -9.90
N LYS A 544 2.19 1.37 -10.53
CA LYS A 544 2.05 0.20 -11.39
C LYS A 544 1.84 0.60 -12.85
N SER A 545 2.31 1.79 -13.22
CA SER A 545 2.21 2.26 -14.60
C SER A 545 3.18 1.57 -15.54
N GLU A 546 4.23 0.95 -15.01
CA GLU A 546 5.20 0.21 -15.79
C GLU A 546 5.24 -1.23 -15.30
N PRO A 547 5.72 -2.17 -16.12
CA PRO A 547 5.85 -3.55 -15.65
C PRO A 547 6.73 -3.63 -14.41
N TRP A 548 6.37 -4.55 -13.51
CA TRP A 548 7.13 -4.70 -12.27
C TRP A 548 8.56 -5.10 -12.55
N THR A 549 8.84 -5.73 -13.69
CA THR A 549 10.20 -6.07 -14.06
C THR A 549 11.03 -4.80 -14.27
N LEU A 550 10.46 -3.83 -14.99
CA LEU A 550 11.16 -2.56 -15.20
C LEU A 550 11.34 -1.82 -13.88
N ALA A 551 10.33 -1.84 -13.01
CA ALA A 551 10.46 -1.19 -11.72
C ALA A 551 11.56 -1.84 -10.88
N LEU A 552 11.69 -3.16 -10.96
CA LEU A 552 12.75 -3.84 -10.23
C LEU A 552 14.11 -3.51 -10.82
N GLU A 553 14.21 -3.45 -12.14
CA GLU A 553 15.46 -3.05 -12.78
C GLU A 553 15.86 -1.63 -12.43
N ASN A 554 14.86 -0.76 -12.19
CA ASN A 554 15.17 0.62 -11.86
C ASN A 554 15.91 0.76 -10.55
N VAL A 555 15.89 -0.28 -9.70
CA VAL A 555 16.59 -0.24 -8.43
C VAL A 555 17.76 -1.21 -8.44
N VAL A 556 17.48 -2.50 -8.63
CA VAL A 556 18.52 -3.51 -8.51
C VAL A 556 19.27 -3.76 -9.81
N GLY A 557 18.91 -3.09 -10.89
CA GLY A 557 19.57 -3.28 -12.17
C GLY A 557 19.23 -4.56 -12.88
N ALA A 558 18.55 -5.49 -12.23
CA ALA A 558 18.15 -6.75 -12.83
C ALA A 558 16.64 -6.79 -13.00
N LYS A 559 16.20 -7.47 -14.06
CA LYS A 559 14.79 -7.57 -14.39
C LYS A 559 14.08 -8.68 -13.63
N ASN A 560 14.81 -9.60 -13.00
CA ASN A 560 14.24 -10.84 -12.51
C ASN A 560 14.46 -10.97 -11.01
N MET A 561 13.59 -11.77 -10.39
CA MET A 561 13.76 -12.15 -8.99
C MET A 561 15.08 -12.90 -8.81
N ASN A 562 15.67 -12.75 -7.62
CA ASN A 562 16.95 -13.40 -7.33
C ASN A 562 17.12 -13.51 -5.83
N VAL A 563 17.84 -14.55 -5.40
CA VAL A 563 18.10 -14.78 -3.98
C VAL A 563 19.53 -14.46 -3.59
N ARG A 564 20.37 -14.04 -4.54
CA ARG A 564 21.74 -13.69 -4.21
C ARG A 564 21.84 -12.61 -3.14
N PRO A 565 21.02 -11.54 -3.15
CA PRO A 565 21.12 -10.57 -2.05
C PRO A 565 20.78 -11.16 -0.69
N LEU A 566 19.78 -12.03 -0.61
CA LEU A 566 19.43 -12.65 0.66
C LEU A 566 20.58 -13.52 1.19
N LEU A 567 21.19 -14.30 0.30
CA LEU A 567 22.31 -15.13 0.72
C LEU A 567 23.52 -14.29 1.11
N ASN A 568 23.76 -13.20 0.39
CA ASN A 568 24.87 -12.30 0.77
C ASN A 568 24.58 -11.63 2.10
N TYR A 569 23.31 -11.37 2.40
CA TYR A 569 22.94 -10.82 3.69
C TYR A 569 23.23 -11.82 4.81
N PHE A 570 22.87 -13.08 4.60
CA PHE A 570 23.01 -14.09 5.65
C PHE A 570 24.28 -14.93 5.55
N GLU A 571 25.27 -14.50 4.75
CA GLU A 571 26.56 -15.20 4.74
C GLU A 571 27.20 -15.37 6.11
N PRO A 572 27.30 -14.35 6.96
CA PRO A 572 27.97 -14.58 8.26
C PRO A 572 27.31 -15.67 9.08
N LEU A 573 25.99 -15.61 9.22
CA LEU A 573 25.28 -16.68 9.91
C LEU A 573 25.41 -18.01 9.18
N PHE A 574 25.54 -17.98 7.86
CA PHE A 574 25.71 -19.22 7.10
C PHE A 574 27.03 -19.89 7.44
N THR A 575 28.13 -19.13 7.44
CA THR A 575 29.42 -19.70 7.82
C THR A 575 29.44 -20.13 9.28
N TRP A 576 28.76 -19.38 10.15
CA TRP A 576 28.69 -19.79 11.55
C TRP A 576 27.96 -21.11 11.71
N LEU A 577 26.83 -21.28 11.00
CA LEU A 577 26.09 -22.53 11.06
C LEU A 577 26.89 -23.67 10.45
N LYS A 578 27.65 -23.39 9.39
CA LYS A 578 28.49 -24.43 8.80
C LYS A 578 29.60 -24.86 9.75
N ASP A 579 30.15 -23.91 10.51
CA ASP A 579 31.19 -24.26 11.48
C ASP A 579 30.58 -24.97 12.69
N GLN A 580 29.32 -24.71 12.99
CA GLN A 580 28.71 -25.32 14.17
C GLN A 580 28.17 -26.72 13.89
N ASN A 581 27.53 -26.91 12.74
CA ASN A 581 26.86 -28.17 12.43
C ASN A 581 27.80 -29.20 11.80
N LYS A 582 29.12 -29.00 11.88
CA LYS A 582 30.05 -29.96 11.29
C LYS A 582 30.03 -31.28 12.06
N ASN A 583 29.63 -31.26 13.32
CA ASN A 583 29.54 -32.46 14.14
C ASN A 583 28.10 -32.96 14.28
N SER A 584 27.25 -32.62 13.31
CA SER A 584 25.86 -33.02 13.33
C SER A 584 25.38 -33.28 11.92
N PHE A 585 24.42 -34.20 11.77
CA PHE A 585 23.89 -34.53 10.46
C PHE A 585 22.95 -33.43 9.97
N VAL A 586 23.21 -32.94 8.77
CA VAL A 586 22.38 -31.91 8.14
C VAL A 586 21.45 -32.60 7.15
N GLY A 587 20.19 -32.20 7.16
CA GLY A 587 19.17 -32.81 6.31
C GLY A 587 18.14 -33.56 7.12
N TRP A 588 17.15 -34.08 6.41
CA TRP A 588 16.06 -34.81 7.06
C TRP A 588 15.58 -35.91 6.15
N SER A 589 15.13 -37.01 6.76
CA SER A 589 14.52 -38.12 6.05
C SER A 589 13.00 -38.01 6.18
N THR A 590 12.31 -38.01 5.03
CA THR A 590 10.88 -37.76 5.01
C THR A 590 10.04 -38.95 5.45
N ASP A 591 10.65 -39.97 6.05
CA ASP A 591 9.95 -41.17 6.48
C ASP A 591 9.67 -41.21 7.97
N TRP A 592 10.57 -40.68 8.79
CA TRP A 592 10.39 -40.74 10.23
C TRP A 592 9.24 -39.85 10.68
N SER A 593 8.42 -40.38 11.59
CA SER A 593 7.24 -39.68 12.08
C SER A 593 7.13 -39.94 13.58
N PRO A 594 6.58 -38.98 14.33
CA PRO A 594 6.37 -39.18 15.77
C PRO A 594 5.19 -40.08 16.12
N TYR A 595 4.36 -40.46 15.15
CA TYR A 595 3.24 -41.34 15.43
C TYR A 595 3.49 -42.80 15.07
N ALA A 596 4.48 -43.08 14.22
CA ALA A 596 4.89 -44.45 13.90
C ALA A 596 6.15 -44.76 14.70
N ASP A 597 5.99 -45.50 15.79
CA ASP A 597 7.10 -45.81 16.68
C ASP A 597 7.69 -47.18 16.37
N THR B 15 -11.29 60.43 -7.34
CA THR B 15 -10.31 59.86 -6.42
C THR B 15 -10.98 58.95 -5.41
N ASN B 16 -11.29 57.73 -5.84
CA ASN B 16 -11.94 56.74 -4.99
C ASN B 16 -11.10 55.45 -4.94
N LEU B 17 -11.25 54.74 -3.82
CA LEU B 17 -10.58 53.45 -3.68
C LEU B 17 -11.31 52.39 -4.49
N CYS B 18 -10.56 51.65 -5.30
CA CYS B 18 -11.17 50.64 -6.15
C CYS B 18 -11.81 49.55 -5.29
N PRO B 19 -12.94 48.98 -5.73
CA PRO B 19 -13.64 48.01 -4.88
C PRO B 19 -12.93 46.67 -4.78
N PHE B 20 -11.70 46.69 -4.25
CA PHE B 20 -10.98 45.44 -4.01
C PHE B 20 -11.54 44.67 -2.83
N GLY B 21 -12.27 45.34 -1.94
CA GLY B 21 -12.85 44.64 -0.80
C GLY B 21 -13.93 43.66 -1.20
N GLU B 22 -14.84 44.08 -2.07
CA GLU B 22 -15.87 43.18 -2.58
C GLU B 22 -15.35 42.27 -3.69
N VAL B 23 -14.04 42.20 -3.88
CA VAL B 23 -13.43 41.30 -4.85
C VAL B 23 -12.58 40.23 -4.16
N PHE B 24 -11.69 40.64 -3.25
CA PHE B 24 -10.86 39.70 -2.50
C PHE B 24 -11.55 39.21 -1.24
N ASN B 25 -11.98 40.13 -0.37
CA ASN B 25 -12.68 39.85 0.88
C ASN B 25 -14.11 39.36 0.64
N ALA B 26 -14.51 39.18 -0.62
CA ALA B 26 -15.88 38.75 -0.93
C ALA B 26 -16.20 37.41 -0.27
N SER B 27 -17.50 37.16 -0.09
CA SER B 27 -17.93 35.99 0.68
C SER B 27 -17.68 34.69 -0.07
N LYS B 28 -18.10 34.61 -1.33
CA LYS B 28 -17.99 33.39 -2.12
C LYS B 28 -17.50 33.73 -3.52
N PHE B 29 -16.51 32.96 -3.99
CA PHE B 29 -15.99 33.13 -5.34
C PHE B 29 -16.67 32.15 -6.29
N ALA B 30 -16.76 32.56 -7.55
CA ALA B 30 -17.44 31.75 -8.54
C ALA B 30 -16.60 30.52 -8.91
N SER B 31 -17.22 29.61 -9.66
CA SER B 31 -16.51 28.43 -10.14
C SER B 31 -15.55 28.81 -11.26
N VAL B 32 -14.63 27.90 -11.57
CA VAL B 32 -13.61 28.19 -12.57
C VAL B 32 -14.22 28.16 -13.97
N TYR B 33 -15.27 27.36 -14.17
CA TYR B 33 -15.91 27.33 -15.47
C TYR B 33 -16.81 28.53 -15.69
N ALA B 34 -17.21 29.22 -14.62
CA ALA B 34 -18.03 30.42 -14.68
C ALA B 34 -17.37 31.56 -13.90
N TRP B 35 -16.08 31.77 -14.14
CA TRP B 35 -15.31 32.76 -13.37
C TRP B 35 -15.92 34.15 -13.48
N ASN B 36 -15.93 34.87 -12.37
CA ASN B 36 -16.48 36.21 -12.34
C ASN B 36 -15.58 37.18 -13.09
N ARG B 37 -16.18 38.01 -13.94
CA ARG B 37 -15.46 39.00 -14.72
C ARG B 37 -15.98 40.38 -14.34
N LYS B 38 -15.17 41.15 -13.62
CA LYS B 38 -15.55 42.47 -13.14
C LYS B 38 -14.68 43.53 -13.80
N ARG B 39 -15.31 44.57 -14.32
CA ARG B 39 -14.62 45.68 -14.97
C ARG B 39 -14.46 46.82 -13.96
N ILE B 40 -13.23 47.05 -13.53
CA ILE B 40 -12.92 48.11 -12.57
C ILE B 40 -12.31 49.28 -13.31
N SER B 41 -12.75 50.49 -12.97
CA SER B 41 -12.23 51.71 -13.57
C SER B 41 -12.66 52.89 -12.70
N ASN B 42 -12.09 54.06 -13.01
CA ASN B 42 -12.46 55.32 -12.35
C ASN B 42 -12.28 55.24 -10.84
N CYS B 43 -11.07 54.86 -10.42
CA CYS B 43 -10.77 54.74 -9.00
C CYS B 43 -9.26 54.76 -8.82
N VAL B 44 -8.85 54.75 -7.56
CA VAL B 44 -7.43 54.78 -7.17
C VAL B 44 -7.14 53.52 -6.37
N ALA B 45 -6.21 52.70 -6.88
CA ALA B 45 -5.86 51.44 -6.26
C ALA B 45 -4.37 51.42 -5.94
N ASP B 46 -4.04 51.27 -4.66
CA ASP B 46 -2.65 51.11 -4.24
C ASP B 46 -2.35 49.62 -4.19
N TYR B 47 -1.49 49.15 -5.10
CA TYR B 47 -1.16 47.74 -5.16
C TYR B 47 -0.14 47.34 -4.10
N SER B 48 0.43 48.31 -3.38
CA SER B 48 1.45 47.99 -2.38
C SER B 48 0.85 47.25 -1.18
N VAL B 49 -0.39 47.57 -0.80
CA VAL B 49 -1.01 46.85 0.31
C VAL B 49 -1.33 45.42 -0.11
N LEU B 50 -1.73 45.22 -1.36
CA LEU B 50 -1.93 43.87 -1.86
C LEU B 50 -0.60 43.11 -1.91
N TYR B 51 0.48 43.81 -2.23
CA TYR B 51 1.80 43.19 -2.24
C TYR B 51 2.21 42.76 -0.83
N ASN B 52 2.04 43.65 0.14
CA ASN B 52 2.47 43.42 1.51
C ASN B 52 1.44 42.68 2.36
N SER B 53 0.33 42.24 1.76
CA SER B 53 -0.63 41.43 2.51
C SER B 53 0.02 40.17 3.04
N THR B 54 0.88 39.54 2.24
CA THR B 54 1.66 38.36 2.66
C THR B 54 0.72 37.23 3.11
N SER B 55 -0.51 37.26 2.63
CA SER B 55 -1.48 36.21 2.91
C SER B 55 -1.74 35.33 1.69
N PHE B 56 -0.99 35.54 0.62
CA PHE B 56 -1.13 34.78 -0.62
C PHE B 56 0.11 33.92 -0.84
N SER B 57 -0.07 32.77 -1.48
CA SER B 57 1.03 31.86 -1.75
C SER B 57 1.60 32.03 -3.15
N THR B 58 0.89 32.70 -4.06
CA THR B 58 1.37 32.91 -5.42
C THR B 58 1.14 34.35 -5.81
N PHE B 59 2.21 35.03 -6.25
CA PHE B 59 2.10 36.40 -6.77
C PHE B 59 3.23 36.59 -7.78
N LYS B 60 2.90 36.40 -9.06
CA LYS B 60 3.91 36.31 -10.11
C LYS B 60 3.36 36.92 -11.40
N CYS B 61 4.05 37.93 -11.92
CA CYS B 61 3.82 38.41 -13.28
C CYS B 61 5.06 39.04 -13.89
N TYR B 62 5.04 39.11 -15.22
CA TYR B 62 6.22 39.46 -16.02
C TYR B 62 5.82 40.63 -16.94
N GLY B 63 6.82 41.41 -17.34
CA GLY B 63 6.58 42.55 -18.20
C GLY B 63 6.64 43.85 -17.41
N VAL B 64 6.13 43.81 -16.19
CA VAL B 64 6.19 44.95 -15.29
C VAL B 64 6.15 44.43 -13.85
N SER B 65 7.05 44.96 -13.02
CA SER B 65 7.09 44.54 -11.63
C SER B 65 5.88 45.11 -10.89
N PRO B 66 5.32 44.37 -9.93
CA PRO B 66 4.13 44.90 -9.22
C PRO B 66 4.42 46.14 -8.41
N THR B 67 5.56 46.19 -7.72
CA THR B 67 5.90 47.39 -6.97
C THR B 67 6.27 48.55 -7.89
N LYS B 68 6.77 48.25 -9.09
CA LYS B 68 7.08 49.28 -10.07
C LYS B 68 5.85 49.70 -10.89
N LEU B 69 4.84 48.83 -10.98
CA LEU B 69 3.62 49.15 -11.71
C LEU B 69 2.77 50.21 -11.00
N ASN B 70 3.02 50.46 -9.71
CA ASN B 70 2.18 51.37 -8.95
C ASN B 70 2.13 52.76 -9.58
N ASP B 71 3.25 53.27 -10.08
CA ASP B 71 3.26 54.55 -10.77
C ASP B 71 3.04 54.40 -12.26
N LEU B 72 2.02 53.64 -12.63
CA LEU B 72 1.62 53.42 -14.02
C LEU B 72 0.13 53.12 -14.04
N CYS B 73 -0.51 53.43 -15.16
CA CYS B 73 -1.90 53.06 -15.38
C CYS B 73 -2.25 53.04 -16.86
N PHE B 74 -3.38 52.42 -17.15
CA PHE B 74 -3.83 52.21 -18.51
C PHE B 74 -5.32 52.56 -18.60
N THR B 75 -5.94 52.15 -19.71
CA THR B 75 -7.34 52.49 -19.95
C THR B 75 -8.27 51.77 -18.98
N ASN B 76 -8.33 50.44 -19.05
CA ASN B 76 -9.24 49.65 -18.24
C ASN B 76 -8.50 48.44 -17.68
N VAL B 77 -8.98 47.94 -16.55
CA VAL B 77 -8.40 46.76 -15.89
C VAL B 77 -9.53 45.77 -15.62
N TYR B 78 -9.23 44.48 -15.81
CA TYR B 78 -10.18 43.41 -15.56
C TYR B 78 -9.64 42.52 -14.46
N ALA B 79 -10.52 42.05 -13.58
CA ALA B 79 -10.16 41.21 -12.44
C ALA B 79 -10.94 39.91 -12.51
N ASP B 80 -10.24 38.81 -12.82
CA ASP B 80 -10.85 37.50 -12.88
C ASP B 80 -10.68 36.78 -11.55
N SER B 81 -11.74 36.09 -11.11
CA SER B 81 -11.72 35.41 -9.82
C SER B 81 -12.48 34.10 -9.94
N PHE B 82 -11.95 33.06 -9.29
CA PHE B 82 -12.55 31.73 -9.30
C PHE B 82 -11.87 30.90 -8.21
N VAL B 83 -12.23 29.62 -8.14
CA VAL B 83 -11.64 28.68 -7.19
C VAL B 83 -11.25 27.41 -7.95
N VAL B 84 -10.07 26.87 -7.62
CA VAL B 84 -9.58 25.62 -8.20
C VAL B 84 -8.92 24.82 -7.09
N LYS B 85 -8.37 23.67 -7.46
CA LYS B 85 -7.64 22.84 -6.51
C LYS B 85 -6.27 23.47 -6.23
N GLY B 86 -5.48 22.75 -5.43
CA GLY B 86 -4.15 23.25 -5.08
C GLY B 86 -3.16 23.11 -6.21
N ASP B 87 -3.09 21.92 -6.83
CA ASP B 87 -2.16 21.69 -7.93
C ASP B 87 -2.68 22.19 -9.26
N GLU B 88 -3.74 22.99 -9.27
CA GLU B 88 -4.31 23.54 -10.50
C GLU B 88 -4.07 25.04 -10.63
N VAL B 89 -3.40 25.66 -9.66
CA VAL B 89 -3.03 27.06 -9.81
C VAL B 89 -1.85 27.21 -10.76
N ARG B 90 -1.08 26.15 -10.96
CA ARG B 90 0.05 26.22 -11.89
C ARG B 90 -0.41 26.28 -13.34
N GLN B 91 -1.67 25.94 -13.62
CA GLN B 91 -2.23 26.10 -14.95
C GLN B 91 -2.58 27.55 -15.28
N ILE B 92 -2.62 28.42 -14.28
CA ILE B 92 -2.97 29.83 -14.51
C ILE B 92 -1.65 30.55 -14.82
N ALA B 93 -1.24 30.44 -16.08
CA ALA B 93 -0.01 31.03 -16.58
C ALA B 93 0.02 30.90 -18.11
N PRO B 94 0.59 31.86 -18.83
CA PRO B 94 0.62 31.75 -20.28
C PRO B 94 1.45 30.57 -20.75
N GLY B 95 0.96 29.90 -21.79
CA GLY B 95 1.66 28.76 -22.34
C GLY B 95 1.54 27.48 -21.55
N GLN B 96 0.49 27.35 -20.73
CA GLN B 96 0.26 26.15 -19.94
C GLN B 96 -0.80 25.28 -20.58
N THR B 97 -0.85 24.02 -20.15
CA THR B 97 -1.81 23.05 -20.66
C THR B 97 -2.40 22.26 -19.49
N GLY B 98 -3.71 22.10 -19.53
CA GLY B 98 -4.42 21.38 -18.49
C GLY B 98 -5.92 21.55 -18.64
N VAL B 99 -6.65 20.82 -17.82
CA VAL B 99 -8.11 20.88 -17.87
C VAL B 99 -8.60 22.27 -17.49
N ILE B 100 -7.76 23.04 -16.79
CA ILE B 100 -8.14 24.40 -16.42
C ILE B 100 -7.67 25.39 -17.49
N ALA B 101 -6.45 25.21 -17.98
CA ALA B 101 -5.91 26.13 -18.97
C ALA B 101 -6.58 25.98 -20.32
N ASP B 102 -7.11 24.80 -20.63
CA ASP B 102 -7.72 24.55 -21.93
C ASP B 102 -9.24 24.65 -21.89
N TYR B 103 -9.88 23.89 -20.99
CA TYR B 103 -11.33 23.77 -20.99
C TYR B 103 -12.02 24.73 -20.02
N ASN B 104 -11.28 25.38 -19.12
CA ASN B 104 -11.91 26.18 -18.08
C ASN B 104 -11.49 27.64 -18.08
N TYR B 105 -10.20 27.93 -18.27
CA TYR B 105 -9.74 29.31 -18.19
C TYR B 105 -8.39 29.41 -18.92
N LYS B 106 -8.39 30.10 -20.05
CA LYS B 106 -7.21 30.22 -20.90
C LYS B 106 -6.65 31.63 -20.82
N LEU B 107 -5.33 31.75 -20.77
CA LEU B 107 -4.63 33.04 -20.79
C LEU B 107 -3.77 33.13 -22.02
N PRO B 108 -3.70 34.30 -22.67
CA PRO B 108 -2.85 34.44 -23.85
C PRO B 108 -1.38 34.48 -23.48
N ASP B 109 -0.54 34.22 -24.49
CA ASP B 109 0.90 34.28 -24.28
C ASP B 109 1.34 35.70 -23.93
N ASP B 110 0.67 36.70 -24.50
CA ASP B 110 0.95 38.10 -24.21
C ASP B 110 0.18 38.59 -22.98
N PHE B 111 0.31 37.86 -21.88
CA PHE B 111 -0.37 38.21 -20.65
C PHE B 111 0.24 39.49 -20.06
N THR B 112 -0.62 40.40 -19.62
CA THR B 112 -0.19 41.71 -19.16
C THR B 112 -0.44 41.93 -17.66
N GLY B 113 -1.25 41.08 -17.04
CA GLY B 113 -1.48 41.19 -15.60
C GLY B 113 -0.83 40.07 -14.84
N CYS B 114 -1.38 39.68 -13.70
CA CYS B 114 -0.89 38.51 -12.97
C CYS B 114 -1.97 37.92 -12.08
N VAL B 115 -1.54 36.91 -11.32
CA VAL B 115 -2.42 35.97 -10.65
C VAL B 115 -2.21 36.11 -9.15
N ILE B 116 -3.30 36.14 -8.40
CA ILE B 116 -3.28 36.18 -6.95
C ILE B 116 -4.06 34.98 -6.44
N ALA B 117 -3.36 34.04 -5.80
CA ALA B 117 -4.00 32.84 -5.28
C ALA B 117 -3.58 32.64 -3.83
N TRP B 118 -4.49 32.08 -3.04
CA TRP B 118 -4.23 31.82 -1.63
C TRP B 118 -5.04 30.60 -1.19
N ASN B 119 -4.56 29.97 -0.13
CA ASN B 119 -5.26 28.82 0.44
C ASN B 119 -6.53 29.27 1.16
N SER B 120 -7.63 28.55 0.91
CA SER B 120 -8.93 28.94 1.42
C SER B 120 -9.68 27.73 1.95
N VAL B 121 -9.01 26.91 2.77
CA VAL B 121 -9.66 25.74 3.34
C VAL B 121 -10.64 26.15 4.44
N LYS B 122 -10.34 27.24 5.15
CA LYS B 122 -11.20 27.66 6.25
C LYS B 122 -12.59 28.06 5.76
N GLN B 123 -12.70 28.54 4.52
CA GLN B 123 -13.96 29.05 4.00
C GLN B 123 -14.66 28.09 3.04
N ASP B 124 -13.92 27.48 2.11
CA ASP B 124 -14.52 26.70 1.04
C ASP B 124 -14.53 25.20 1.31
N ALA B 125 -14.06 24.76 2.47
CA ALA B 125 -14.05 23.34 2.81
C ALA B 125 -14.87 23.12 4.07
N LEU B 126 -15.82 22.19 4.00
CA LEU B 126 -16.70 21.86 5.11
C LEU B 126 -16.59 20.38 5.42
N THR B 127 -16.74 20.04 6.70
CA THR B 127 -16.73 18.64 7.10
C THR B 127 -17.90 17.90 6.46
N GLY B 128 -17.58 16.83 5.74
CA GLY B 128 -18.56 16.11 4.95
C GLY B 128 -18.44 16.30 3.46
N GLY B 129 -17.80 17.38 3.02
CA GLY B 129 -17.57 17.60 1.60
C GLY B 129 -18.32 18.78 1.04
N ASN B 130 -17.59 19.75 0.49
CA ASN B 130 -18.18 20.92 -0.16
C ASN B 130 -18.22 20.64 -1.65
N TYR B 131 -19.34 20.06 -2.11
CA TYR B 131 -19.51 19.64 -3.49
C TYR B 131 -20.23 20.70 -4.33
N GLY B 132 -20.04 21.98 -4.00
CA GLY B 132 -20.69 23.06 -4.69
C GLY B 132 -19.85 23.78 -5.72
N TYR B 133 -18.59 23.40 -5.89
CA TYR B 133 -17.71 24.04 -6.88
C TYR B 133 -17.57 23.15 -8.10
N LEU B 134 -17.85 23.71 -9.27
CA LEU B 134 -17.90 22.95 -10.51
C LEU B 134 -16.74 23.33 -11.42
N TYR B 135 -16.53 22.51 -12.45
CA TYR B 135 -15.50 22.73 -13.44
C TYR B 135 -15.78 21.83 -14.64
N ARG B 136 -15.51 22.35 -15.83
CA ARG B 136 -15.77 21.62 -17.07
C ARG B 136 -14.64 20.64 -17.33
N LEU B 137 -15.00 19.38 -17.58
CA LEU B 137 -14.02 18.32 -17.80
C LEU B 137 -13.73 18.05 -19.26
N PHE B 138 -14.77 18.09 -20.10
CA PHE B 138 -14.59 17.78 -21.54
C PHE B 138 -15.07 18.94 -22.40
N ARG B 139 -14.54 19.02 -23.62
CA ARG B 139 -14.95 20.02 -24.60
C ARG B 139 -14.51 19.57 -25.97
N LYS B 140 -15.30 19.93 -27.00
CA LYS B 140 -14.99 19.53 -28.36
C LYS B 140 -13.73 20.19 -28.89
N SER B 141 -13.36 21.34 -28.34
CA SER B 141 -12.13 22.03 -28.75
C SER B 141 -11.67 22.92 -27.61
N LYS B 142 -10.37 23.16 -27.57
CA LYS B 142 -9.79 23.99 -26.52
C LYS B 142 -10.24 25.44 -26.66
N LEU B 143 -10.32 26.13 -25.53
CA LEU B 143 -10.83 27.48 -25.50
C LEU B 143 -9.79 28.48 -25.98
N LYS B 144 -10.27 29.60 -26.49
CA LYS B 144 -9.40 30.71 -26.86
C LYS B 144 -9.15 31.60 -25.65
N PRO B 145 -8.05 32.36 -25.65
CA PRO B 145 -7.74 33.18 -24.49
C PRO B 145 -8.82 34.23 -24.21
N PHE B 146 -9.25 34.28 -22.95
CA PHE B 146 -10.26 35.25 -22.48
C PHE B 146 -11.63 35.00 -23.09
N GLU B 147 -12.07 33.74 -23.10
CA GLU B 147 -13.43 33.39 -23.49
C GLU B 147 -14.06 32.48 -22.44
N ARG B 148 -15.36 32.65 -22.23
CA ARG B 148 -16.10 31.92 -21.21
C ARG B 148 -17.08 30.96 -21.88
N ASP B 149 -17.23 29.77 -21.28
CA ASP B 149 -18.17 28.77 -21.76
C ASP B 149 -18.92 28.21 -20.56
N ILE B 150 -20.22 28.52 -20.48
CA ILE B 150 -21.05 28.06 -19.36
C ILE B 150 -22.19 27.20 -19.88
N SER B 151 -21.94 26.50 -20.99
CA SER B 151 -22.96 25.65 -21.59
C SER B 151 -23.24 24.44 -20.70
N THR B 152 -24.39 23.80 -20.97
CA THR B 152 -24.80 22.62 -20.21
C THR B 152 -25.12 21.44 -21.12
N GLU B 153 -24.74 21.49 -22.40
CA GLU B 153 -25.05 20.40 -23.31
C GLU B 153 -24.20 19.18 -23.00
N ILE B 154 -24.73 18.00 -23.35
CA ILE B 154 -24.03 16.75 -23.08
C ILE B 154 -22.91 16.57 -24.08
N TYR B 155 -21.78 16.05 -23.61
CA TYR B 155 -20.62 15.80 -24.45
C TYR B 155 -20.76 14.44 -25.14
N GLN B 156 -20.51 14.42 -26.45
CA GLN B 156 -20.63 13.21 -27.25
C GLN B 156 -19.24 12.65 -27.50
N ALA B 157 -18.88 11.61 -26.74
CA ALA B 157 -17.56 11.00 -26.89
C ALA B 157 -17.49 10.07 -28.09
N GLY B 158 -18.59 9.38 -28.39
CA GLY B 158 -18.66 8.44 -29.50
C GLY B 158 -19.06 9.12 -30.78
N SER B 159 -19.96 8.48 -31.53
CA SER B 159 -20.47 9.01 -32.78
C SER B 159 -21.98 9.06 -32.87
N THR B 160 -22.69 8.29 -32.05
CA THR B 160 -24.15 8.28 -32.12
C THR B 160 -24.74 9.39 -31.27
N PRO B 161 -25.78 10.07 -31.72
CA PRO B 161 -26.44 11.07 -30.88
C PRO B 161 -27.21 10.42 -29.75
N CYS B 162 -27.14 11.02 -28.57
CA CYS B 162 -27.85 10.51 -27.40
C CYS B 162 -29.02 11.40 -26.97
N ASN B 163 -29.37 12.41 -27.76
CA ASN B 163 -30.60 13.18 -27.56
C ASN B 163 -30.60 13.91 -26.22
N GLY B 164 -29.47 14.51 -25.87
CA GLY B 164 -29.40 15.27 -24.63
C GLY B 164 -29.55 14.46 -23.38
N GLN B 165 -29.36 13.15 -23.45
CA GLN B 165 -29.47 12.28 -22.29
C GLN B 165 -28.16 11.52 -22.12
N VAL B 166 -27.77 11.30 -20.88
CA VAL B 166 -26.53 10.63 -20.54
C VAL B 166 -26.71 9.12 -20.73
N GLY B 167 -25.73 8.49 -21.35
CA GLY B 167 -25.77 7.06 -21.62
C GLY B 167 -24.40 6.56 -21.97
N LEU B 168 -24.33 5.69 -22.97
CA LEU B 168 -23.06 5.16 -23.43
C LEU B 168 -22.32 6.26 -24.21
N ASN B 169 -21.08 6.54 -23.81
CA ASN B 169 -20.23 7.57 -24.39
C ASN B 169 -20.83 8.96 -24.30
N CYS B 170 -21.86 9.16 -23.48
CA CYS B 170 -22.46 10.46 -23.23
C CYS B 170 -22.50 10.70 -21.73
N TYR B 171 -21.95 11.84 -21.30
CA TYR B 171 -21.90 12.21 -19.85
C TYR B 171 -21.88 13.73 -19.68
N TYR B 172 -22.55 14.23 -18.62
CA TYR B 172 -22.55 15.66 -18.33
C TYR B 172 -21.12 16.16 -18.16
N PRO B 173 -20.67 17.10 -19.01
CA PRO B 173 -19.29 17.59 -18.95
C PRO B 173 -19.09 18.70 -17.92
N LEU B 174 -19.62 18.49 -16.71
CA LEU B 174 -19.48 19.47 -15.64
C LEU B 174 -19.44 18.70 -14.32
N GLU B 175 -18.23 18.44 -13.82
CA GLU B 175 -18.05 17.78 -12.54
C GLU B 175 -17.84 18.78 -11.42
N ARG B 176 -18.00 18.31 -10.20
CA ARG B 176 -17.94 19.14 -9.01
C ARG B 176 -16.65 18.89 -8.24
N TYR B 177 -16.07 19.95 -7.71
CA TYR B 177 -14.94 19.82 -6.80
C TYR B 177 -15.41 19.31 -5.44
N GLY B 178 -14.83 18.22 -4.98
CA GLY B 178 -15.11 17.74 -3.64
C GLY B 178 -14.10 18.29 -2.65
N PHE B 179 -14.47 19.38 -1.98
CA PHE B 179 -13.56 20.08 -1.08
C PHE B 179 -13.82 19.64 0.36
N HIS B 180 -12.81 19.07 0.99
CA HIS B 180 -12.86 18.66 2.38
C HIS B 180 -11.79 19.40 3.18
N PRO B 181 -12.02 19.63 4.48
CA PRO B 181 -11.02 20.36 5.27
C PRO B 181 -9.74 19.58 5.50
N THR B 182 -9.75 18.27 5.29
CA THR B 182 -8.60 17.44 5.58
C THR B 182 -7.74 17.11 4.36
N THR B 183 -8.25 17.34 3.15
CA THR B 183 -7.51 16.99 1.95
C THR B 183 -6.17 17.70 1.90
N GLY B 184 -5.22 17.09 1.21
CA GLY B 184 -3.88 17.65 1.11
C GLY B 184 -3.86 18.94 0.32
N VAL B 185 -2.72 19.65 0.43
CA VAL B 185 -2.58 20.95 -0.22
C VAL B 185 -2.78 20.83 -1.73
N ASN B 186 -2.39 19.70 -2.32
CA ASN B 186 -2.60 19.50 -3.74
C ASN B 186 -4.08 19.27 -4.08
N TYR B 187 -4.96 19.23 -3.06
CA TYR B 187 -6.39 19.13 -3.30
C TYR B 187 -7.19 20.13 -2.47
N GLN B 188 -6.53 21.10 -1.87
CA GLN B 188 -7.22 22.10 -1.06
C GLN B 188 -7.73 23.24 -1.95
N PRO B 189 -8.86 23.85 -1.60
CA PRO B 189 -9.37 24.95 -2.43
C PRO B 189 -8.45 26.16 -2.38
N PHE B 190 -8.15 26.71 -3.55
CA PHE B 190 -7.27 27.87 -3.69
C PHE B 190 -8.04 28.96 -4.43
N ARG B 191 -8.43 30.00 -3.71
CA ARG B 191 -9.14 31.11 -4.33
C ARG B 191 -8.19 31.93 -5.18
N VAL B 192 -8.42 31.97 -6.49
CA VAL B 192 -7.51 32.55 -7.45
C VAL B 192 -8.11 33.85 -7.98
N VAL B 193 -7.31 34.92 -7.98
CA VAL B 193 -7.69 36.20 -8.56
C VAL B 193 -6.68 36.52 -9.65
N VAL B 194 -7.19 36.92 -10.82
CA VAL B 194 -6.37 37.19 -11.99
C VAL B 194 -6.67 38.60 -12.48
N LEU B 195 -5.62 39.42 -12.58
CA LEU B 195 -5.75 40.79 -13.05
C LEU B 195 -5.35 40.88 -14.51
N SER B 196 -5.81 41.92 -15.19
CA SER B 196 -5.51 42.15 -16.60
C SER B 196 -5.39 43.65 -16.84
N PHE B 197 -4.29 44.06 -17.46
CA PHE B 197 -4.02 45.47 -17.76
C PHE B 197 -3.96 45.64 -19.27
N GLU B 198 -5.02 46.20 -19.85
CA GLU B 198 -5.09 46.44 -21.28
C GLU B 198 -4.88 47.91 -21.58
N LEU B 199 -4.33 48.18 -22.76
CA LEU B 199 -4.06 49.53 -23.21
C LEU B 199 -4.86 49.82 -24.47
N LEU B 200 -5.56 50.96 -24.48
CA LEU B 200 -6.33 51.39 -25.64
C LEU B 200 -5.90 52.81 -25.98
N ASN B 201 -6.64 53.43 -26.90
CA ASN B 201 -6.37 54.81 -27.30
C ASN B 201 -7.03 55.83 -26.37
N GLY B 202 -7.79 55.38 -25.38
CA GLY B 202 -8.43 56.29 -24.45
C GLY B 202 -7.50 56.70 -23.34
N PRO B 203 -8.01 57.59 -22.48
CA PRO B 203 -7.19 58.08 -21.37
C PRO B 203 -7.09 57.07 -20.24
N ALA B 204 -6.09 57.26 -19.38
CA ALA B 204 -5.86 56.40 -18.22
C ALA B 204 -6.62 56.99 -17.04
N THR B 205 -7.42 56.17 -16.36
CA THR B 205 -8.27 56.66 -15.29
C THR B 205 -8.01 55.99 -13.94
N VAL B 206 -7.45 54.78 -13.92
CA VAL B 206 -7.31 54.03 -12.69
C VAL B 206 -5.83 53.80 -12.39
N CYS B 207 -5.29 54.62 -11.48
CA CYS B 207 -3.94 54.46 -10.96
C CYS B 207 -3.75 55.30 -9.70
N GLY B 208 -2.81 54.87 -8.87
CA GLY B 208 -2.45 55.60 -7.67
C GLY B 208 -1.74 56.92 -7.94
#